data_3KY9
#
_entry.id   3KY9
#
_cell.length_a   85.376
_cell.length_b   58.738
_cell.length_c   160.721
_cell.angle_alpha   90.00
_cell.angle_beta   97.31
_cell.angle_gamma   90.00
#
_symmetry.space_group_name_H-M   'P 1 21 1'
#
loop_
_entity.id
_entity.type
_entity.pdbx_description
1 polymer 'Proto-oncogene vav'
2 non-polymer 'ZINC ION'
#
_entity_poly.entity_id   1
_entity_poly.type   'polypeptide(L)'
_entity_poly.pdbx_seq_one_letter_code
;GHMKELWRQCTHWLIQCRVLPPSHRVTWEGAQVCELAQALRDGVLLCQLLNNLLPHAINLREVNLRPQMSQFLCLKNIRT
FLSTCCEKFGLKRSELFEAFDLFDVQDFGKVIYTLSALSWTPIAQNRGIMPFPTEEESVGDEDIYSGLSDQIDDTVEEDE
DLYDCVENEEAEGDEIYEDLMRSEPVSMPPKMTEYDKRCCCLREIQQTEEKYTDTLGSIQQHFLKPLQRFLKPQDIEIIF
INIEDLLRVHTHFLKEMKEALGTPGAANLYQVFIKYKERFLVYGRYCSQVESASKHLDRVAAAREDVQMKLEECSQRANN
GRFTLRDLLMVPMQRVLKYHLLLQELVKHTQEAMEKENLRLALDAMRDLAQCVNEVKRDNETLRQITNFQLSIENLDQSL
AHYGRPKIDGELKITSVERRSKMDRYAFLLDKALLICKRRGDSYDLKDFVNLHSFQVRDDSSGDRDNKKWSHMFLLIEDQ
GAQGYELFFKTRELKKKWMEQFEMAISNIYPENATANGHDFQMFSFEETTSCKACQMLLRGTFYQGYRCHRCRASAHKEC
LGRVPPCGRHGQDFPGTMKKDKLHRRA
;
_entity_poly.pdbx_strand_id   A,B
#
# COMPACT_ATOMS: atom_id res chain seq x y z
N GLU A 5 -32.26 17.58 10.84
CA GLU A 5 -32.22 16.63 11.95
C GLU A 5 -31.31 17.14 13.06
N LEU A 6 -31.54 16.66 14.27
CA LEU A 6 -30.84 17.16 15.45
C LEU A 6 -29.48 16.52 15.69
N TRP A 7 -29.30 15.27 15.28
CA TRP A 7 -27.98 14.67 15.38
C TRP A 7 -27.05 15.26 14.34
N ARG A 8 -27.62 15.71 13.21
CA ARG A 8 -26.86 16.44 12.19
C ARG A 8 -26.38 17.77 12.77
N GLN A 9 -27.18 18.34 13.66
CA GLN A 9 -26.81 19.59 14.32
C GLN A 9 -25.70 19.36 15.31
N CYS A 10 -25.79 18.25 16.05
CA CYS A 10 -24.73 17.85 16.96
C CYS A 10 -23.42 17.73 16.21
N THR A 11 -23.44 16.93 15.14
CA THR A 11 -22.28 16.71 14.30
C THR A 11 -21.62 18.05 13.99
N HIS A 12 -22.36 18.89 13.30
CA HIS A 12 -21.84 20.19 12.92
C HIS A 12 -21.18 20.85 14.10
N TRP A 13 -21.82 20.77 15.27
CA TRP A 13 -21.31 21.46 16.45
C TRP A 13 -20.03 20.82 16.92
N LEU A 14 -20.01 19.50 16.91
CA LEU A 14 -18.80 18.78 17.30
C LEU A 14 -17.63 19.08 16.35
N ILE A 15 -17.93 19.26 15.07
CA ILE A 15 -16.91 19.73 14.13
C ILE A 15 -16.44 21.17 14.43
N GLN A 16 -17.37 22.04 14.83
CA GLN A 16 -17.00 23.42 15.17
C GLN A 16 -16.13 23.45 16.42
N CYS A 17 -16.30 22.43 17.28
CA CYS A 17 -15.51 22.30 18.49
C CYS A 17 -14.18 21.60 18.24
N ARG A 18 -13.85 21.37 16.96
CA ARG A 18 -12.58 20.75 16.55
C ARG A 18 -12.38 19.31 17.05
N VAL A 19 -13.48 18.61 17.33
CA VAL A 19 -13.49 17.28 17.95
C VAL A 19 -13.55 16.14 16.91
N LEU A 20 -14.19 16.44 15.79
CA LEU A 20 -14.46 15.48 14.71
C LEU A 20 -13.77 15.99 13.44
N PRO A 21 -12.87 15.19 12.84
CA PRO A 21 -12.18 15.71 11.65
C PRO A 21 -13.19 15.99 10.54
N PRO A 22 -13.16 17.21 9.96
CA PRO A 22 -14.17 17.65 8.98
C PRO A 22 -14.19 16.81 7.71
N SER A 23 -13.42 15.73 7.73
CA SER A 23 -13.34 14.78 6.62
C SER A 23 -13.82 13.37 7.05
N HIS A 24 -14.58 13.32 8.14
CA HIS A 24 -14.98 12.03 8.71
C HIS A 24 -16.32 11.50 8.16
N ARG A 25 -16.49 10.19 8.19
CA ARG A 25 -17.61 9.52 7.52
C ARG A 25 -19.01 10.03 7.89
N VAL A 26 -19.16 10.60 9.09
CA VAL A 26 -20.44 11.22 9.46
C VAL A 26 -20.62 12.55 8.74
N THR A 27 -19.62 12.93 7.94
CA THR A 27 -19.65 14.16 7.17
C THR A 27 -20.25 13.97 5.76
N TRP A 28 -20.03 12.77 5.21
CA TRP A 28 -20.38 12.42 3.84
C TRP A 28 -21.87 12.31 3.59
N GLU A 29 -22.28 12.65 2.36
CA GLU A 29 -23.68 12.49 1.95
C GLU A 29 -24.01 11.06 2.24
N GLY A 30 -25.14 10.83 2.93
CA GLY A 30 -25.59 9.48 3.25
C GLY A 30 -25.39 9.09 4.70
N ALA A 31 -24.44 9.75 5.36
CA ALA A 31 -24.09 9.41 6.74
C ALA A 31 -25.32 9.06 7.58
N GLN A 32 -25.29 7.88 8.20
CA GLN A 32 -26.36 7.44 9.09
C GLN A 32 -26.16 8.03 10.50
N VAL A 33 -27.19 7.98 11.33
CA VAL A 33 -27.02 8.37 12.72
C VAL A 33 -26.00 7.44 13.37
N CYS A 34 -26.11 6.16 13.07
CA CYS A 34 -25.24 5.15 13.67
C CYS A 34 -23.73 5.48 13.51
N GLU A 35 -23.36 6.18 12.45
CA GLU A 35 -21.95 6.51 12.23
C GLU A 35 -21.46 7.52 13.26
N LEU A 36 -22.34 8.40 13.70
CA LEU A 36 -22.02 9.35 14.77
C LEU A 36 -21.79 8.63 16.08
N ALA A 37 -22.78 7.83 16.46
CA ALA A 37 -22.71 7.08 17.71
C ALA A 37 -21.51 6.13 17.71
N GLN A 38 -21.23 5.51 16.57
CA GLN A 38 -20.05 4.66 16.46
C GLN A 38 -18.78 5.45 16.84
N ALA A 39 -18.76 6.74 16.52
CA ALA A 39 -17.57 7.59 16.68
C ALA A 39 -17.43 8.16 18.11
N LEU A 40 -18.53 8.12 18.86
CA LEU A 40 -18.53 8.59 20.23
C LEU A 40 -18.52 7.46 21.26
N ARG A 41 -18.76 6.22 20.86
CA ARG A 41 -19.01 5.19 21.88
C ARG A 41 -17.80 4.79 22.74
N ASP A 42 -16.58 4.98 22.24
CA ASP A 42 -15.41 5.03 23.14
C ASP A 42 -15.32 6.50 23.56
N GLY A 43 -15.24 6.75 24.86
CA GLY A 43 -15.53 8.10 25.33
C GLY A 43 -14.47 9.12 24.97
N VAL A 44 -13.54 8.72 24.09
CA VAL A 44 -12.39 9.55 23.72
C VAL A 44 -12.70 10.94 23.11
N LEU A 45 -13.40 11.02 21.96
CA LEU A 45 -13.75 12.34 21.40
C LEU A 45 -14.47 13.20 22.45
N LEU A 46 -15.35 12.56 23.21
CA LEU A 46 -16.13 13.27 24.21
C LEU A 46 -15.21 13.92 25.23
N CYS A 47 -14.19 13.18 25.64
CA CYS A 47 -13.23 13.71 26.62
C CYS A 47 -12.45 14.87 26.03
N GLN A 48 -12.03 14.71 24.78
CA GLN A 48 -11.34 15.78 24.08
C GLN A 48 -12.23 17.00 23.93
N LEU A 49 -13.49 16.76 23.56
CA LEU A 49 -14.48 17.82 23.45
C LEU A 49 -14.39 18.73 24.66
N LEU A 50 -14.52 18.16 25.85
CA LEU A 50 -14.48 18.98 27.05
C LEU A 50 -13.22 19.82 27.10
N ASN A 51 -12.08 19.21 26.84
CA ASN A 51 -10.82 19.97 26.84
C ASN A 51 -10.74 21.12 25.82
N ASN A 52 -11.27 20.93 24.62
CA ASN A 52 -11.36 22.03 23.65
C ASN A 52 -12.21 23.23 24.08
N LEU A 53 -13.10 23.03 25.06
CA LEU A 53 -13.99 24.07 25.57
C LEU A 53 -13.43 24.66 26.85
N LEU A 54 -13.03 23.78 27.77
CA LEU A 54 -12.38 24.22 29.01
C LEU A 54 -11.00 23.58 29.04
N PRO A 55 -9.98 24.33 28.59
CA PRO A 55 -8.61 23.81 28.58
C PRO A 55 -8.28 23.21 29.95
N HIS A 56 -7.68 22.01 29.92
CA HIS A 56 -7.31 21.28 31.14
C HIS A 56 -8.50 20.74 31.98
N ALA A 57 -9.66 20.55 31.35
CA ALA A 57 -10.83 19.99 32.05
C ALA A 57 -10.56 18.57 32.53
N ILE A 58 -9.80 17.84 31.74
CA ILE A 58 -9.51 16.43 31.97
C ILE A 58 -8.06 16.12 31.62
N ASN A 59 -7.28 15.67 32.59
CA ASN A 59 -5.90 15.31 32.30
C ASN A 59 -5.82 13.99 31.56
N LEU A 60 -5.02 13.98 30.50
CA LEU A 60 -4.95 12.84 29.57
C LEU A 60 -4.60 11.50 30.21
N ARG A 61 -3.79 11.54 31.26
CA ARG A 61 -3.48 10.32 31.99
C ARG A 61 -4.73 9.67 32.59
N GLU A 62 -5.87 10.38 32.48
CA GLU A 62 -7.16 9.89 32.99
C GLU A 62 -8.02 9.39 31.84
N VAL A 63 -7.50 9.54 30.63
CA VAL A 63 -8.27 9.16 29.47
C VAL A 63 -7.63 7.95 28.84
N ASN A 64 -8.47 7.00 28.45
CA ASN A 64 -7.98 5.83 27.79
C ASN A 64 -8.01 6.08 26.28
N LEU A 65 -6.87 6.50 25.74
CA LEU A 65 -6.74 7.00 24.37
C LEU A 65 -7.00 6.00 23.25
N ARG A 66 -6.83 4.72 23.51
CA ARG A 66 -7.11 3.73 22.47
C ARG A 66 -7.84 2.53 23.05
N PRO A 67 -9.11 2.72 23.41
CA PRO A 67 -9.78 1.73 24.25
C PRO A 67 -10.63 0.72 23.48
N GLN A 68 -10.50 0.64 22.16
CA GLN A 68 -11.48 -0.08 21.36
C GLN A 68 -11.57 -1.60 21.63
N MET A 69 -10.48 -2.21 22.07
CA MET A 69 -10.53 -3.63 22.48
C MET A 69 -11.08 -3.85 23.90
N SER A 70 -11.63 -2.81 24.52
CA SER A 70 -11.99 -2.91 25.95
C SER A 70 -13.26 -2.16 26.38
N GLN A 71 -14.33 -2.89 26.69
CA GLN A 71 -15.54 -2.22 27.17
C GLN A 71 -15.26 -1.48 28.48
N PHE A 72 -14.36 -2.02 29.29
CA PHE A 72 -14.00 -1.42 30.57
C PHE A 72 -13.41 -0.03 30.38
N LEU A 73 -12.48 0.11 29.44
CA LEU A 73 -11.75 1.37 29.26
C LEU A 73 -12.59 2.43 28.56
N CYS A 74 -13.53 1.97 27.74
CA CYS A 74 -14.47 2.88 27.10
C CYS A 74 -15.39 3.43 28.18
N LEU A 75 -15.84 2.55 29.06
CA LEU A 75 -16.79 2.99 30.07
C LEU A 75 -16.17 4.01 31.00
N LYS A 76 -14.90 3.79 31.35
CA LYS A 76 -14.18 4.73 32.20
C LYS A 76 -14.02 6.10 31.54
N ASN A 77 -13.78 6.11 30.23
CA ASN A 77 -13.76 7.39 29.52
C ASN A 77 -15.10 8.12 29.63
N ILE A 78 -16.19 7.41 29.36
CA ILE A 78 -17.52 8.03 29.40
C ILE A 78 -17.88 8.53 30.80
N ARG A 79 -17.53 7.75 31.83
CA ARG A 79 -17.77 8.19 33.22
C ARG A 79 -16.91 9.43 33.52
N THR A 80 -15.66 9.42 33.09
CA THR A 80 -14.82 10.60 33.25
C THR A 80 -15.48 11.77 32.54
N PHE A 81 -16.01 11.53 31.34
CA PHE A 81 -16.69 12.60 30.62
C PHE A 81 -17.87 13.11 31.41
N LEU A 82 -18.84 12.23 31.69
CA LEU A 82 -20.07 12.63 32.38
C LEU A 82 -19.76 13.34 33.69
N SER A 83 -18.80 12.78 34.42
CA SER A 83 -18.43 13.29 35.76
C SER A 83 -17.79 14.68 35.75
N THR A 84 -16.74 14.88 34.94
CA THR A 84 -16.21 16.24 34.80
C THR A 84 -17.28 17.09 34.11
N CYS A 85 -18.15 16.41 33.36
CA CYS A 85 -19.19 17.08 32.56
C CYS A 85 -20.22 17.79 33.42
N CYS A 86 -20.35 17.35 34.67
CA CYS A 86 -21.22 18.04 35.60
C CYS A 86 -20.38 18.81 36.62
N GLU A 87 -19.23 18.26 36.98
CA GLU A 87 -18.41 18.90 38.01
C GLU A 87 -17.67 20.14 37.52
N LYS A 88 -17.36 20.20 36.23
CA LYS A 88 -16.66 21.38 35.73
C LYS A 88 -17.46 22.18 34.70
N PHE A 89 -18.66 21.73 34.36
CA PHE A 89 -19.43 22.39 33.30
C PHE A 89 -20.83 22.90 33.67
N GLY A 90 -21.23 22.73 34.94
CA GLY A 90 -22.54 23.16 35.40
C GLY A 90 -23.58 22.06 35.35
N LEU A 91 -23.73 21.42 34.18
CA LEU A 91 -24.78 20.42 33.95
C LEU A 91 -25.26 19.63 35.16
N LYS A 92 -26.57 19.48 35.27
CA LYS A 92 -27.20 18.74 36.36
C LYS A 92 -27.30 17.25 35.98
N ARG A 93 -27.30 16.37 36.98
CA ARG A 93 -27.32 14.93 36.74
C ARG A 93 -28.57 14.45 35.99
N SER A 94 -29.51 15.36 35.81
CA SER A 94 -30.77 15.04 35.14
C SER A 94 -30.69 15.54 33.71
N GLU A 95 -29.49 15.96 33.32
CA GLU A 95 -29.24 16.62 32.04
C GLU A 95 -28.13 15.85 31.34
N LEU A 96 -27.55 14.88 32.05
CA LEU A 96 -26.52 14.04 31.48
C LEU A 96 -26.94 12.56 31.50
N PHE A 97 -26.63 11.88 30.40
CA PHE A 97 -27.02 10.49 30.20
C PHE A 97 -26.27 9.53 31.11
N GLU A 98 -26.69 8.27 31.08
CA GLU A 98 -25.99 7.19 31.78
C GLU A 98 -25.13 6.39 30.80
N ALA A 99 -23.97 5.96 31.26
CA ALA A 99 -22.94 5.37 30.39
C ALA A 99 -23.46 4.50 29.24
N PHE A 100 -24.22 3.46 29.58
CA PHE A 100 -24.72 2.52 28.57
C PHE A 100 -25.74 3.14 27.62
N ASP A 101 -26.24 4.33 27.95
CA ASP A 101 -27.10 5.04 27.02
C ASP A 101 -26.27 5.33 25.80
N LEU A 102 -24.95 5.36 26.00
CA LEU A 102 -24.02 5.64 24.91
C LEU A 102 -23.34 4.38 24.42
N PHE A 103 -22.70 3.65 25.33
CA PHE A 103 -21.81 2.60 24.88
C PHE A 103 -22.57 1.40 24.30
N ASP A 104 -23.78 1.18 24.79
CA ASP A 104 -24.64 0.14 24.23
C ASP A 104 -25.88 0.77 23.57
N VAL A 105 -25.75 2.03 23.18
CA VAL A 105 -26.81 2.79 22.52
C VAL A 105 -28.23 2.52 23.07
N GLN A 106 -28.34 2.44 24.39
CA GLN A 106 -29.63 2.18 25.03
C GLN A 106 -30.55 3.42 25.03
N ASP A 107 -30.04 4.56 24.58
CA ASP A 107 -30.79 5.80 24.50
C ASP A 107 -29.89 6.92 24.01
N PHE A 108 -29.44 6.80 22.76
CA PHE A 108 -28.54 7.77 22.16
C PHE A 108 -29.21 9.14 22.09
N GLY A 109 -30.55 9.13 22.08
CA GLY A 109 -31.32 10.35 22.10
C GLY A 109 -30.91 11.22 23.28
N LYS A 110 -30.69 10.59 24.44
CA LYS A 110 -30.31 11.35 25.63
C LYS A 110 -28.84 11.79 25.62
N VAL A 111 -28.00 11.06 24.89
CA VAL A 111 -26.62 11.50 24.68
C VAL A 111 -26.58 12.80 23.89
N ILE A 112 -27.41 12.89 22.85
CA ILE A 112 -27.47 14.10 22.04
C ILE A 112 -28.02 15.29 22.82
N TYR A 113 -28.94 15.02 23.75
CA TYR A 113 -29.45 16.07 24.61
C TYR A 113 -28.32 16.65 25.45
N THR A 114 -27.55 15.78 26.11
CA THR A 114 -26.40 16.21 26.89
C THR A 114 -25.46 17.16 26.13
N LEU A 115 -25.10 16.81 24.89
CA LEU A 115 -24.24 17.69 24.08
C LEU A 115 -24.92 19.03 23.77
N SER A 116 -26.16 18.99 23.27
CA SER A 116 -26.93 20.24 23.09
C SER A 116 -26.85 21.10 24.33
N ALA A 117 -27.11 20.49 25.49
CA ALA A 117 -26.98 21.15 26.79
C ALA A 117 -25.61 21.80 26.88
N LEU A 118 -24.59 21.01 26.55
CA LEU A 118 -23.22 21.46 26.61
C LEU A 118 -23.06 22.68 25.72
N SER A 119 -23.66 22.64 24.53
CA SER A 119 -23.53 23.73 23.57
C SER A 119 -24.11 25.05 24.10
N TRP A 120 -25.07 24.95 25.00
CA TRP A 120 -25.73 26.15 25.54
C TRP A 120 -25.08 26.64 26.84
N THR A 121 -24.11 25.88 27.33
CA THR A 121 -23.36 26.25 28.53
C THR A 121 -22.85 27.68 28.44
N PRO A 122 -22.70 28.34 29.59
CA PRO A 122 -22.05 29.65 29.60
C PRO A 122 -20.59 29.51 29.23
N ILE A 123 -20.15 28.32 28.85
CA ILE A 123 -18.76 28.12 28.49
C ILE A 123 -18.60 27.83 27.00
N ALA A 124 -19.46 26.98 26.46
CA ALA A 124 -19.49 26.71 25.03
C ALA A 124 -19.67 28.03 24.30
N GLN A 125 -20.71 28.79 24.65
CA GLN A 125 -20.99 30.01 23.93
C GLN A 125 -19.99 31.10 24.26
N ASN A 126 -19.49 31.07 25.49
CA ASN A 126 -18.40 31.94 25.94
C ASN A 126 -17.13 31.76 25.10
N ARG A 127 -17.28 31.07 23.97
CA ARG A 127 -16.13 30.71 23.16
C ARG A 127 -16.39 30.94 21.66
N GLY A 128 -17.58 31.41 21.33
CA GLY A 128 -17.88 31.77 19.95
C GLY A 128 -18.70 30.77 19.17
N ILE A 129 -18.83 29.55 19.71
CA ILE A 129 -19.53 28.49 19.01
C ILE A 129 -21.04 28.49 19.29
N MET A 130 -21.82 28.67 18.23
CA MET A 130 -23.28 28.64 18.30
C MET A 130 -23.79 27.25 18.71
N PRO A 131 -24.66 27.21 19.73
CA PRO A 131 -25.43 26.07 20.26
C PRO A 131 -26.34 25.36 19.24
N PHE A 132 -26.93 24.23 19.65
CA PHE A 132 -27.92 23.52 18.85
C PHE A 132 -28.99 22.92 19.75
N TYR A 145 -35.19 6.27 17.42
CA TYR A 145 -33.84 5.75 17.59
C TYR A 145 -33.74 4.23 17.75
N SER A 146 -34.83 3.61 18.20
CA SER A 146 -34.84 2.18 18.55
C SER A 146 -33.83 1.30 17.80
N GLY A 147 -33.88 1.31 16.47
CA GLY A 147 -33.10 0.40 15.65
C GLY A 147 -31.59 0.62 15.70
N LEU A 148 -31.15 1.33 16.72
CA LEU A 148 -29.74 1.70 16.85
C LEU A 148 -28.83 0.52 17.11
N SER A 149 -29.19 -0.28 18.13
CA SER A 149 -28.33 -1.35 18.56
C SER A 149 -28.03 -2.34 17.41
N ASP A 150 -28.90 -2.36 16.41
CA ASP A 150 -28.75 -3.27 15.28
C ASP A 150 -27.79 -2.75 14.22
N GLN A 151 -28.00 -1.51 13.80
CA GLN A 151 -27.20 -0.92 12.73
C GLN A 151 -25.71 -0.97 13.06
N ILE A 152 -25.38 -0.51 14.26
CA ILE A 152 -24.03 -0.56 14.78
C ILE A 152 -23.36 -1.90 14.52
N ASP A 153 -23.97 -2.95 15.06
CA ASP A 153 -23.43 -4.31 15.00
C ASP A 153 -22.64 -4.60 13.72
N ASP A 159 -10.78 3.94 11.70
CA ASP A 159 -10.63 4.76 12.91
C ASP A 159 -9.20 5.25 13.19
N GLU A 160 -8.35 5.29 12.17
CA GLU A 160 -7.14 6.08 12.27
C GLU A 160 -7.62 7.50 12.05
N ASP A 161 -8.56 7.62 11.13
CA ASP A 161 -9.28 8.88 10.90
C ASP A 161 -9.78 9.42 12.24
N LEU A 162 -10.39 8.53 13.03
CA LEU A 162 -11.18 8.92 14.22
C LEU A 162 -10.48 9.87 15.20
N TYR A 163 -9.23 9.55 15.55
CA TYR A 163 -8.50 10.28 16.59
C TYR A 163 -7.56 11.39 16.07
N ASP A 164 -7.72 11.75 14.80
CA ASP A 164 -7.02 12.90 14.24
C ASP A 164 -7.14 14.17 15.06
N CYS A 165 -8.29 14.40 15.69
CA CYS A 165 -8.44 15.61 16.48
C CYS A 165 -8.15 15.44 17.98
N VAL A 166 -7.54 14.33 18.37
CA VAL A 166 -7.24 14.11 19.78
C VAL A 166 -5.80 14.42 20.12
N GLU A 167 -5.61 15.02 21.29
CA GLU A 167 -4.28 15.30 21.75
C GLU A 167 -3.59 13.95 21.92
N ASN A 168 -2.50 13.74 21.21
CA ASN A 168 -1.76 12.50 21.41
C ASN A 168 -1.01 12.58 22.76
N GLU A 169 -0.65 11.43 23.32
CA GLU A 169 -0.16 11.39 24.69
C GLU A 169 1.10 12.22 25.01
N GLU A 170 1.90 12.53 23.99
CA GLU A 170 3.18 13.20 24.26
C GLU A 170 3.25 14.70 23.96
N ALA A 171 2.10 15.32 23.68
CA ALA A 171 2.08 16.74 23.35
C ALA A 171 2.41 17.64 24.54
N GLU A 172 1.93 17.30 25.74
CA GLU A 172 2.24 18.10 26.92
C GLU A 172 3.75 18.26 27.11
N GLY A 173 4.47 17.16 27.02
CA GLY A 173 5.93 17.18 27.14
C GLY A 173 6.58 17.80 25.92
N ASP A 174 6.00 17.60 24.75
CA ASP A 174 6.59 18.10 23.51
C ASP A 174 6.66 19.63 23.47
N GLU A 175 5.83 20.31 24.26
CA GLU A 175 5.86 21.77 24.22
C GLU A 175 6.83 22.31 25.26
N ILE A 176 6.82 21.75 26.46
CA ILE A 176 7.91 21.96 27.41
C ILE A 176 9.27 21.81 26.74
N TYR A 177 9.42 20.81 25.88
CA TYR A 177 10.70 20.62 25.20
C TYR A 177 10.96 21.71 24.18
N GLU A 178 9.98 22.02 23.35
CA GLU A 178 10.21 22.98 22.29
C GLU A 178 10.36 24.39 22.84
N ASP A 179 9.81 24.64 24.01
CA ASP A 179 9.99 25.91 24.68
C ASP A 179 11.43 25.99 25.15
N LEU A 180 11.84 25.01 25.95
CA LEU A 180 13.20 24.95 26.44
C LEU A 180 14.28 25.09 25.34
N MET A 181 14.06 24.50 24.16
CA MET A 181 15.08 24.46 23.10
C MET A 181 15.03 25.62 22.11
N ARG A 182 13.93 26.37 22.10
CA ARG A 182 13.69 27.40 21.09
C ARG A 182 14.83 28.42 21.00
N SER A 183 15.10 28.88 19.77
CA SER A 183 16.11 29.91 19.53
C SER A 183 15.62 30.91 18.49
N MET A 192 17.83 28.12 1.83
CA MET A 192 19.02 28.72 1.22
C MET A 192 19.64 27.78 0.16
N THR A 193 20.97 27.66 0.17
CA THR A 193 21.65 26.65 -0.64
C THR A 193 21.58 25.35 0.14
N GLU A 194 22.16 24.27 -0.36
CA GLU A 194 22.05 23.00 0.36
C GLU A 194 23.29 22.62 1.18
N TYR A 195 24.19 23.58 1.37
CA TYR A 195 25.29 23.38 2.30
C TYR A 195 25.02 24.23 3.54
N ASP A 196 24.45 25.42 3.32
CA ASP A 196 24.02 26.27 4.42
C ASP A 196 22.86 25.57 5.14
N LYS A 197 22.08 24.82 4.36
CA LYS A 197 21.01 24.00 4.91
C LYS A 197 21.56 22.90 5.81
N ARG A 198 22.56 22.16 5.31
CA ARG A 198 23.21 21.13 6.12
C ARG A 198 23.90 21.73 7.36
N CYS A 199 24.67 22.80 7.18
CA CYS A 199 25.34 23.43 8.30
C CYS A 199 24.35 23.99 9.33
N CYS A 200 23.24 24.53 8.86
CA CYS A 200 22.18 24.98 9.75
C CYS A 200 21.73 23.83 10.67
N CYS A 201 21.62 22.62 10.11
CA CYS A 201 21.25 21.44 10.88
C CYS A 201 22.32 21.02 11.87
N LEU A 202 23.57 21.03 11.44
CA LEU A 202 24.66 20.69 12.34
C LEU A 202 24.71 21.62 13.54
N ARG A 203 24.19 22.83 13.39
CA ARG A 203 24.18 23.77 14.50
C ARG A 203 22.99 23.52 15.42
N GLU A 204 21.91 23.00 14.85
CA GLU A 204 20.77 22.64 15.68
C GLU A 204 21.18 21.49 16.58
N ILE A 205 21.92 20.53 16.04
CA ILE A 205 22.33 19.35 16.79
C ILE A 205 23.29 19.69 17.94
N GLN A 206 24.26 20.56 17.67
CA GLN A 206 25.20 20.97 18.70
C GLN A 206 24.56 21.85 19.76
N GLN A 207 23.67 22.74 19.34
CA GLN A 207 23.11 23.70 20.29
C GLN A 207 22.06 23.11 21.21
N THR A 208 21.11 22.38 20.64
CA THR A 208 20.12 21.71 21.46
C THR A 208 20.78 20.74 22.44
N GLU A 209 21.85 20.09 22.02
CA GLU A 209 22.61 19.22 22.91
C GLU A 209 23.30 19.98 24.06
N GLU A 210 24.01 21.05 23.74
CA GLU A 210 24.57 21.92 24.77
C GLU A 210 23.47 22.34 25.76
N LYS A 211 22.34 22.78 25.22
CA LYS A 211 21.20 23.22 26.02
C LYS A 211 20.55 22.07 26.80
N TYR A 212 20.41 20.92 26.17
CA TYR A 212 19.89 19.75 26.86
C TYR A 212 20.80 19.37 27.99
N THR A 213 22.09 19.29 27.69
CA THR A 213 23.08 18.82 28.66
C THR A 213 23.16 19.70 29.90
N ASP A 214 23.19 21.03 29.74
CA ASP A 214 23.21 21.85 30.92
C ASP A 214 21.83 21.96 31.58
N THR A 215 20.77 21.57 30.87
CA THR A 215 19.47 21.43 31.53
C THR A 215 19.51 20.31 32.58
N LEU A 216 20.08 19.17 32.21
CA LEU A 216 20.24 18.09 33.18
C LEU A 216 21.05 18.63 34.35
N GLY A 217 22.07 19.42 34.03
CA GLY A 217 22.95 19.99 35.03
C GLY A 217 22.19 20.91 35.96
N SER A 218 21.28 21.69 35.40
CA SER A 218 20.44 22.58 36.20
C SER A 218 19.57 21.77 37.16
N ILE A 219 19.00 20.68 36.65
CA ILE A 219 18.20 19.79 37.51
C ILE A 219 18.99 19.24 38.71
N GLN A 220 20.19 18.69 38.47
CA GLN A 220 21.08 18.32 39.55
C GLN A 220 21.38 19.54 40.46
N GLN A 221 22.24 20.43 39.99
CA GLN A 221 22.72 21.56 40.80
C GLN A 221 21.68 22.35 41.58
N HIS A 222 20.51 22.59 40.99
CA HIS A 222 19.52 23.45 41.64
C HIS A 222 18.39 22.68 42.26
N PHE A 223 18.23 21.43 41.88
CA PHE A 223 17.13 20.63 42.40
C PHE A 223 17.67 19.44 43.19
N LEU A 224 18.10 18.41 42.49
CA LEU A 224 18.47 17.14 43.13
C LEU A 224 19.50 17.27 44.27
N LYS A 225 20.47 18.16 44.14
CA LYS A 225 21.40 18.41 45.24
C LYS A 225 20.71 19.16 46.40
N PRO A 226 20.30 20.42 46.16
CA PRO A 226 19.57 21.17 47.20
C PRO A 226 18.50 20.38 47.93
N LEU A 227 17.80 19.49 47.22
CA LEU A 227 16.69 18.74 47.80
C LEU A 227 17.12 17.53 48.62
N GLN A 228 18.18 16.86 48.15
CA GLN A 228 18.76 15.74 48.87
C GLN A 228 18.56 15.85 50.38
N ARG A 229 18.97 16.98 50.93
CA ARG A 229 18.97 17.18 52.37
C ARG A 229 17.57 17.10 52.99
N PHE A 230 16.60 17.73 52.35
CA PHE A 230 15.24 17.80 52.88
C PHE A 230 14.50 16.45 52.90
N LEU A 231 14.77 15.61 51.90
CA LEU A 231 14.00 14.40 51.67
C LEU A 231 14.76 13.11 51.98
N LYS A 232 14.03 12.09 52.40
CA LYS A 232 14.59 10.75 52.59
C LYS A 232 15.12 10.20 51.25
N PRO A 233 16.29 9.55 51.29
CA PRO A 233 16.84 8.80 50.15
C PRO A 233 15.92 7.63 49.79
N GLN A 234 14.67 7.96 49.52
CA GLN A 234 13.64 6.98 49.15
C GLN A 234 12.58 7.82 48.46
N ASP A 235 12.71 9.12 48.63
CA ASP A 235 11.84 10.08 47.98
C ASP A 235 12.58 10.73 46.82
N ILE A 236 13.89 10.91 47.00
CA ILE A 236 14.71 11.52 45.95
C ILE A 236 15.57 10.49 45.27
N GLU A 237 15.94 9.44 45.98
CA GLU A 237 16.79 8.42 45.39
C GLU A 237 16.20 7.92 44.07
N ILE A 238 14.89 8.06 43.90
CA ILE A 238 14.22 7.60 42.69
C ILE A 238 14.70 8.35 41.44
N ILE A 239 14.67 9.68 41.53
CA ILE A 239 14.98 10.55 40.41
C ILE A 239 16.48 10.73 40.16
N PHE A 240 17.24 10.92 41.25
CA PHE A 240 18.69 11.25 41.21
C PHE A 240 19.59 10.27 40.46
N ILE A 241 19.55 9.00 40.83
CA ILE A 241 20.37 8.00 40.14
C ILE A 241 20.15 8.14 38.63
N ASN A 242 18.90 8.36 38.23
CA ASN A 242 18.61 8.52 36.81
C ASN A 242 19.17 9.80 36.20
N ILE A 243 18.71 10.93 36.70
CA ILE A 243 19.18 12.21 36.21
C ILE A 243 20.71 12.31 36.18
N GLU A 244 21.34 11.87 37.26
CA GLU A 244 22.80 11.94 37.41
C GLU A 244 23.54 11.09 36.37
N ASP A 245 23.10 9.84 36.20
CA ASP A 245 23.58 8.98 35.11
C ASP A 245 23.38 9.62 33.72
N LEU A 246 22.25 10.28 33.53
CA LEU A 246 21.99 10.96 32.28
C LEU A 246 22.94 12.15 32.11
N LEU A 247 23.20 12.87 33.20
CA LEU A 247 24.11 14.01 33.14
C LEU A 247 25.52 13.57 32.76
N ARG A 248 25.98 12.45 33.34
CA ARG A 248 27.32 11.94 33.04
C ARG A 248 27.46 11.47 31.59
N VAL A 249 26.51 10.65 31.13
CA VAL A 249 26.50 10.19 29.75
C VAL A 249 26.50 11.33 28.76
N HIS A 250 25.64 12.33 28.97
CA HIS A 250 25.58 13.45 28.02
C HIS A 250 26.78 14.38 28.12
N THR A 251 27.22 14.64 29.34
CA THR A 251 28.40 15.46 29.56
C THR A 251 29.54 14.93 28.70
N HIS A 252 29.71 13.61 28.71
CA HIS A 252 30.68 12.93 27.87
C HIS A 252 30.28 12.94 26.39
N PHE A 253 29.04 12.59 26.11
CA PHE A 253 28.49 12.62 24.75
C PHE A 253 28.83 13.94 24.07
N LEU A 254 28.52 15.04 24.75
CA LEU A 254 28.74 16.36 24.20
C LEU A 254 30.22 16.65 23.89
N LYS A 255 31.13 16.21 24.74
CA LYS A 255 32.55 16.39 24.45
C LYS A 255 32.90 15.75 23.12
N GLU A 256 32.49 14.49 22.92
CA GLU A 256 32.77 13.75 21.70
C GLU A 256 31.99 14.25 20.48
N MET A 257 30.78 14.77 20.70
CA MET A 257 30.03 15.40 19.61
C MET A 257 30.80 16.64 19.14
N LYS A 258 31.24 17.46 20.09
CA LYS A 258 31.93 18.70 19.77
C LYS A 258 33.20 18.47 18.97
N GLU A 259 34.01 17.50 19.40
CA GLU A 259 35.25 17.16 18.71
C GLU A 259 34.99 16.76 17.26
N ALA A 260 34.11 15.79 17.04
CA ALA A 260 33.82 15.29 15.70
C ALA A 260 33.26 16.38 14.77
N LEU A 261 32.73 17.45 15.35
CA LEU A 261 32.21 18.58 14.58
C LEU A 261 33.30 19.59 14.23
N GLY A 262 34.19 19.88 15.18
CA GLY A 262 35.27 20.83 14.98
C GLY A 262 36.21 20.42 13.86
N THR A 263 36.64 19.16 13.89
CA THR A 263 37.45 18.60 12.80
C THR A 263 36.77 18.88 11.45
N PRO A 264 37.59 19.26 10.45
CA PRO A 264 37.11 19.59 9.11
C PRO A 264 36.05 18.60 8.60
N GLY A 265 35.08 19.10 7.86
CA GLY A 265 34.06 18.27 7.24
C GLY A 265 32.97 17.78 8.17
N ALA A 266 33.39 17.17 9.27
CA ALA A 266 32.46 16.64 10.29
C ALA A 266 31.87 15.29 9.87
N ALA A 267 32.73 14.34 9.53
CA ALA A 267 32.27 13.04 9.08
C ALA A 267 32.46 11.95 10.12
N ASN A 268 33.10 12.28 11.23
CA ASN A 268 33.26 11.32 12.31
C ASN A 268 32.01 11.27 13.17
N LEU A 269 31.08 12.18 12.89
CA LEU A 269 29.90 12.39 13.72
C LEU A 269 28.98 11.19 13.78
N TYR A 270 28.74 10.55 12.64
CA TYR A 270 27.88 9.38 12.60
C TYR A 270 28.35 8.32 13.59
N GLN A 271 29.61 8.45 14.04
CA GLN A 271 30.25 7.46 14.90
C GLN A 271 29.96 7.72 16.37
N VAL A 272 29.93 9.00 16.76
CA VAL A 272 29.56 9.38 18.12
C VAL A 272 28.19 8.83 18.52
N PHE A 273 27.20 9.01 17.65
CA PHE A 273 25.85 8.48 17.86
C PHE A 273 25.81 6.97 18.07
N ILE A 274 26.50 6.24 17.21
CA ILE A 274 26.52 4.78 17.28
C ILE A 274 27.29 4.28 18.51
N LYS A 275 28.43 4.92 18.79
CA LYS A 275 29.24 4.64 19.98
C LYS A 275 28.42 4.74 21.27
N TYR A 276 27.56 5.74 21.34
CA TYR A 276 26.79 5.98 22.55
C TYR A 276 25.42 5.29 22.61
N LYS A 277 25.07 4.48 21.62
CA LYS A 277 23.73 3.92 21.62
C LYS A 277 23.42 3.07 22.85
N GLU A 278 24.28 2.11 23.18
CA GLU A 278 23.99 1.23 24.30
C GLU A 278 24.00 1.98 25.63
N ARG A 279 24.87 2.97 25.76
CA ARG A 279 24.85 3.84 26.92
C ARG A 279 23.49 4.52 27.06
N PHE A 280 22.89 4.90 25.93
CA PHE A 280 21.59 5.59 25.93
C PHE A 280 20.40 4.71 26.31
N LEU A 281 20.63 3.41 26.48
CA LEU A 281 19.53 2.49 26.83
C LEU A 281 19.04 2.74 28.26
N VAL A 282 19.81 3.51 29.03
CA VAL A 282 19.34 3.94 30.33
C VAL A 282 18.03 4.74 30.20
N TYR A 283 17.77 5.30 29.03
CA TYR A 283 16.52 6.03 28.83
C TYR A 283 15.30 5.12 29.03
N GLY A 284 15.48 3.82 28.82
CA GLY A 284 14.44 2.83 29.09
C GLY A 284 14.07 2.80 30.57
N ARG A 285 15.07 2.61 31.41
CA ARG A 285 14.89 2.63 32.86
C ARG A 285 14.25 3.97 33.25
N TYR A 286 14.79 5.06 32.71
CA TYR A 286 14.29 6.38 33.03
C TYR A 286 12.85 6.50 32.66
N CYS A 287 12.54 6.28 31.37
CA CYS A 287 11.20 6.58 30.84
C CYS A 287 10.20 5.53 31.32
N SER A 288 10.59 4.87 32.42
CA SER A 288 9.92 3.71 33.00
C SER A 288 9.67 3.93 34.48
N GLN A 289 10.64 4.59 35.13
CA GLN A 289 10.51 4.95 36.53
C GLN A 289 10.07 6.40 36.72
N VAL A 290 10.34 7.25 35.73
CA VAL A 290 10.04 8.68 35.82
C VAL A 290 8.61 8.98 36.25
N GLU A 291 7.65 8.49 35.48
CA GLU A 291 6.23 8.77 35.72
C GLU A 291 5.74 8.36 37.12
N SER A 292 6.54 7.58 37.84
CA SER A 292 6.14 7.13 39.19
C SER A 292 6.82 7.92 40.31
N ALA A 293 8.10 8.19 40.15
CA ALA A 293 8.79 9.07 41.10
C ALA A 293 8.20 10.48 41.02
N SER A 294 7.68 10.81 39.85
CA SER A 294 7.08 12.13 39.63
C SER A 294 5.67 12.23 40.20
N LYS A 295 4.93 11.14 40.20
CA LYS A 295 3.62 11.15 40.84
C LYS A 295 3.83 11.10 42.35
N HIS A 296 4.95 10.48 42.75
CA HIS A 296 5.33 10.39 44.16
C HIS A 296 5.76 11.76 44.69
N LEU A 297 6.57 12.47 43.91
CA LEU A 297 6.90 13.86 44.18
C LEU A 297 5.62 14.67 44.39
N ASP A 298 4.63 14.48 43.52
CA ASP A 298 3.37 15.21 43.64
C ASP A 298 2.55 14.83 44.90
N ARG A 299 2.80 13.66 45.48
CA ARG A 299 2.07 13.26 46.68
C ARG A 299 2.71 13.90 47.89
N VAL A 300 4.03 14.06 47.83
CA VAL A 300 4.77 14.73 48.88
C VAL A 300 4.54 16.25 48.77
N ALA A 301 3.69 16.65 47.82
CA ALA A 301 3.32 18.04 47.66
C ALA A 301 2.25 18.39 48.68
N ALA A 302 1.08 17.78 48.53
CA ALA A 302 0.01 17.99 49.49
C ALA A 302 0.51 17.68 50.90
N ALA A 303 1.24 16.58 51.03
CA ALA A 303 1.60 16.04 52.34
C ALA A 303 2.69 16.83 53.07
N ARG A 304 3.04 18.00 52.54
CA ARG A 304 3.99 18.86 53.23
C ARG A 304 3.89 20.31 52.76
N GLU A 305 4.14 21.23 53.68
CA GLU A 305 4.23 22.62 53.34
C GLU A 305 5.68 22.97 53.06
N ASP A 306 6.57 22.51 53.93
CA ASP A 306 8.02 22.74 53.78
C ASP A 306 8.55 22.25 52.43
N VAL A 307 7.73 21.49 51.71
CA VAL A 307 8.09 20.95 50.41
C VAL A 307 7.47 21.80 49.29
N GLN A 308 6.13 21.78 49.21
CA GLN A 308 5.39 22.59 48.24
C GLN A 308 5.98 23.98 48.09
N MET A 309 6.45 24.55 49.19
CA MET A 309 7.01 25.90 49.22
C MET A 309 8.41 25.98 48.62
N LYS A 310 9.15 24.88 48.65
CA LYS A 310 10.54 24.89 48.20
C LYS A 310 10.71 24.55 46.70
N LEU A 311 9.78 23.77 46.14
CA LEU A 311 9.83 23.48 44.71
C LEU A 311 9.26 24.65 43.92
N GLU A 312 9.08 25.77 44.61
CA GLU A 312 8.76 27.03 43.95
C GLU A 312 10.03 27.87 44.02
N GLU A 313 10.84 27.60 45.04
CA GLU A 313 12.13 28.23 45.20
C GLU A 313 13.10 27.68 44.18
N CYS A 314 13.43 26.41 44.33
CA CYS A 314 14.26 25.72 43.36
C CYS A 314 13.88 26.13 41.94
N SER A 315 12.58 26.15 41.67
CA SER A 315 12.06 26.64 40.38
C SER A 315 12.48 28.08 40.14
N GLN A 316 11.94 28.98 40.95
CA GLN A 316 12.23 30.41 40.85
C GLN A 316 13.73 30.68 40.74
N ARG A 317 14.52 30.06 41.62
CA ARG A 317 15.98 30.17 41.53
C ARG A 317 16.55 29.66 40.20
N ALA A 318 16.36 28.37 39.92
CA ALA A 318 16.99 27.74 38.76
C ALA A 318 16.75 28.46 37.44
N ASN A 319 15.48 28.70 37.10
CA ASN A 319 15.15 29.29 35.80
C ASN A 319 14.20 30.48 35.89
N ASN A 320 13.98 30.94 37.11
CA ASN A 320 13.10 32.07 37.36
C ASN A 320 11.62 31.77 37.10
N GLY A 321 11.20 30.54 37.43
CA GLY A 321 9.80 30.16 37.40
C GLY A 321 9.18 29.83 36.05
N ARG A 322 10.01 29.67 35.02
CA ARG A 322 9.48 29.33 33.70
C ARG A 322 9.20 27.84 33.62
N PHE A 323 9.86 27.08 34.50
CA PHE A 323 9.75 25.62 34.50
C PHE A 323 9.76 25.01 35.91
N THR A 324 8.71 24.26 36.25
CA THR A 324 8.69 23.47 37.50
C THR A 324 9.56 22.20 37.35
N LEU A 325 9.91 21.56 38.45
CA LEU A 325 10.66 20.30 38.38
C LEU A 325 9.91 19.22 37.62
N ARG A 326 8.58 19.19 37.73
CA ARG A 326 7.80 18.27 36.91
C ARG A 326 8.10 18.53 35.45
N ASP A 327 7.84 19.76 35.02
CA ASP A 327 8.14 20.16 33.66
C ASP A 327 9.46 19.58 33.19
N LEU A 328 10.50 19.69 34.01
CA LEU A 328 11.84 19.30 33.57
C LEU A 328 12.04 17.79 33.50
N LEU A 329 11.39 17.05 34.38
CA LEU A 329 11.47 15.59 34.38
C LEU A 329 10.91 14.97 33.08
N MET A 330 9.94 15.67 32.47
CA MET A 330 9.39 15.27 31.16
C MET A 330 10.38 15.46 29.99
N VAL A 331 11.40 16.28 30.21
CA VAL A 331 12.32 16.65 29.14
C VAL A 331 13.19 15.50 28.60
N PRO A 332 13.82 14.70 29.47
CA PRO A 332 14.58 13.57 28.93
C PRO A 332 13.73 12.62 28.04
N MET A 333 12.49 12.31 28.43
CA MET A 333 11.66 11.44 27.60
C MET A 333 11.58 12.01 26.18
N GLN A 334 11.47 13.34 26.09
CA GLN A 334 11.36 14.00 24.79
C GLN A 334 12.68 14.06 24.04
N ARG A 335 13.75 14.31 24.77
CA ARG A 335 15.04 14.54 24.12
C ARG A 335 15.47 13.29 23.40
N VAL A 336 15.38 12.13 24.05
CA VAL A 336 15.84 10.89 23.41
C VAL A 336 15.08 10.54 22.12
N LEU A 337 13.80 10.87 22.07
CA LEU A 337 12.98 10.69 20.87
C LEU A 337 13.29 11.64 19.72
N LYS A 338 14.14 12.65 19.95
CA LYS A 338 14.43 13.65 18.91
C LYS A 338 15.66 13.34 18.04
N TYR A 339 16.59 12.51 18.53
CA TYR A 339 17.80 12.23 17.78
C TYR A 339 17.52 11.70 16.38
N HIS A 340 16.72 10.65 16.25
CA HIS A 340 16.44 10.17 14.90
C HIS A 340 15.85 11.27 14.01
N LEU A 341 15.00 12.15 14.56
CA LEU A 341 14.47 13.29 13.79
C LEU A 341 15.51 14.30 13.32
N LEU A 342 16.48 14.62 14.16
CA LEU A 342 17.54 15.53 13.78
C LEU A 342 18.42 14.93 12.68
N LEU A 343 18.74 13.65 12.84
CA LEU A 343 19.56 12.95 11.87
C LEU A 343 18.79 12.76 10.56
N GLN A 344 17.49 12.54 10.67
CA GLN A 344 16.67 12.36 9.49
C GLN A 344 16.79 13.58 8.58
N GLU A 345 16.82 14.76 9.18
CA GLU A 345 16.94 16.01 8.42
C GLU A 345 18.38 16.33 8.02
N LEU A 346 19.36 15.94 8.84
CA LEU A 346 20.75 16.13 8.44
C LEU A 346 21.04 15.27 7.20
N VAL A 347 20.31 14.17 7.08
CA VAL A 347 20.49 13.21 6.01
C VAL A 347 19.87 13.68 4.68
N LYS A 348 18.78 14.45 4.77
CA LYS A 348 18.14 15.02 3.58
C LYS A 348 19.05 16.02 2.87
N HIS A 349 20.02 16.57 3.60
CA HIS A 349 20.85 17.64 3.08
C HIS A 349 22.31 17.27 2.94
N THR A 350 22.62 15.99 3.17
CA THR A 350 23.96 15.49 2.92
C THR A 350 23.91 14.76 1.60
N GLN A 351 24.46 15.38 0.56
CA GLN A 351 24.34 14.86 -0.79
C GLN A 351 25.39 13.80 -1.08
N GLU A 352 26.58 13.93 -0.49
CA GLU A 352 27.67 13.00 -0.75
C GLU A 352 27.23 11.55 -0.49
N ALA A 353 27.63 10.66 -1.39
CA ALA A 353 27.20 9.26 -1.31
C ALA A 353 27.70 8.54 -0.07
N MET A 354 29.00 8.66 0.22
CA MET A 354 29.57 7.97 1.37
C MET A 354 29.07 8.58 2.68
N GLU A 355 28.88 9.90 2.68
CA GLU A 355 28.26 10.54 3.82
C GLU A 355 26.95 9.86 4.19
N LYS A 356 25.95 10.06 3.33
CA LYS A 356 24.60 9.56 3.53
C LYS A 356 24.53 8.18 4.17
N GLU A 357 25.14 7.17 3.56
CA GLU A 357 24.95 5.81 4.02
C GLU A 357 25.50 5.58 5.43
N ASN A 358 26.32 6.50 5.90
CA ASN A 358 26.85 6.46 7.26
C ASN A 358 25.91 7.09 8.28
N LEU A 359 25.47 8.31 7.98
CA LEU A 359 24.49 8.97 8.82
C LEU A 359 23.21 8.14 8.92
N ARG A 360 22.91 7.37 7.87
CA ARG A 360 21.74 6.49 7.91
C ARG A 360 21.98 5.28 8.82
N LEU A 361 23.24 4.98 9.12
CA LEU A 361 23.57 4.00 10.16
C LEU A 361 23.28 4.55 11.55
N ALA A 362 23.72 5.76 11.85
CA ALA A 362 23.45 6.36 13.15
C ALA A 362 21.96 6.60 13.28
N LEU A 363 21.36 7.06 12.19
CA LEU A 363 19.90 7.21 12.14
C LEU A 363 19.19 5.89 12.42
N ASP A 364 19.72 4.79 11.91
CA ASP A 364 19.18 3.47 12.19
C ASP A 364 19.27 3.17 13.69
N ALA A 365 20.32 3.69 14.32
CA ALA A 365 20.58 3.41 15.72
C ALA A 365 19.72 4.26 16.64
N MET A 366 19.46 5.50 16.23
CA MET A 366 18.71 6.40 17.09
C MET A 366 17.23 6.16 16.91
N ARG A 367 16.86 5.62 15.75
CA ARG A 367 15.47 5.20 15.53
C ARG A 367 15.13 3.95 16.34
N ASP A 368 16.07 3.01 16.40
CA ASP A 368 15.89 1.82 17.25
C ASP A 368 15.79 2.26 18.70
N LEU A 369 16.67 3.17 19.11
CA LEU A 369 16.61 3.73 20.46
C LEU A 369 15.19 4.21 20.73
N ALA A 370 14.71 5.14 19.92
CA ALA A 370 13.35 5.62 20.05
C ALA A 370 12.29 4.51 20.02
N GLN A 371 12.44 3.52 19.14
CA GLN A 371 11.47 2.41 19.19
C GLN A 371 11.49 1.68 20.53
N CYS A 372 12.67 1.48 21.13
CA CYS A 372 12.74 0.84 22.46
C CYS A 372 11.99 1.66 23.50
N VAL A 373 12.30 2.94 23.58
CA VAL A 373 11.58 3.82 24.49
C VAL A 373 10.07 3.82 24.27
N ASN A 374 9.63 3.87 23.01
CA ASN A 374 8.19 3.73 22.78
C ASN A 374 7.66 2.40 23.31
N GLU A 375 8.45 1.34 23.21
CA GLU A 375 8.01 0.07 23.77
C GLU A 375 7.82 0.18 25.29
N VAL A 376 8.77 0.82 25.96
CA VAL A 376 8.62 1.10 27.38
C VAL A 376 7.39 1.98 27.66
N LYS A 377 7.09 2.96 26.81
CA LYS A 377 5.90 3.75 27.07
C LYS A 377 4.63 2.89 26.98
N ARG A 378 4.53 2.06 25.95
CA ARG A 378 3.35 1.20 25.80
C ARG A 378 3.14 0.26 26.99
N ASP A 379 4.21 -0.43 27.40
CA ASP A 379 4.14 -1.37 28.53
C ASP A 379 3.82 -0.64 29.84
N ASN A 380 4.38 0.55 30.01
CA ASN A 380 3.93 1.43 31.08
C ASN A 380 2.40 1.56 31.09
N GLU A 381 1.81 1.94 29.95
CA GLU A 381 0.36 2.08 29.86
C GLU A 381 -0.38 0.77 30.10
N THR A 382 0.03 -0.30 29.42
CA THR A 382 -0.59 -1.60 29.65
C THR A 382 -0.67 -1.87 31.15
N LEU A 383 0.42 -1.62 31.86
CA LEU A 383 0.48 -1.91 33.29
C LEU A 383 -0.50 -1.04 34.09
N ARG A 384 -0.82 0.15 33.59
CA ARG A 384 -1.83 0.98 34.24
C ARG A 384 -3.25 0.38 34.07
N GLN A 385 -3.56 -0.04 32.85
CA GLN A 385 -4.82 -0.70 32.58
C GLN A 385 -4.95 -1.93 33.44
N ILE A 386 -3.86 -2.67 33.63
CA ILE A 386 -3.91 -3.92 34.37
C ILE A 386 -4.20 -3.62 35.83
N THR A 387 -3.53 -2.59 36.33
CA THR A 387 -3.74 -2.17 37.71
C THR A 387 -5.19 -1.74 37.86
N ASN A 388 -5.72 -1.17 36.78
CA ASN A 388 -7.08 -0.65 36.76
C ASN A 388 -8.06 -1.81 36.92
N PHE A 389 -7.85 -2.86 36.14
CA PHE A 389 -8.68 -4.05 36.19
C PHE A 389 -8.58 -4.70 37.56
N GLN A 390 -7.36 -4.72 38.09
CA GLN A 390 -7.11 -5.39 39.36
C GLN A 390 -7.86 -4.74 40.51
N LEU A 391 -7.96 -3.41 40.46
CA LEU A 391 -8.67 -2.66 41.50
C LEU A 391 -10.19 -2.78 41.36
N SER A 392 -10.66 -3.27 40.23
CA SER A 392 -12.11 -3.40 40.01
C SER A 392 -12.54 -4.87 40.02
N ILE A 393 -11.60 -5.78 40.25
CA ILE A 393 -11.92 -7.20 40.26
C ILE A 393 -11.82 -7.79 41.67
N GLU A 394 -12.97 -8.14 42.22
CA GLU A 394 -13.05 -8.68 43.56
C GLU A 394 -12.93 -10.19 43.53
N ASN A 395 -12.38 -10.74 44.61
CA ASN A 395 -12.15 -12.17 44.70
C ASN A 395 -11.09 -12.65 43.71
N LEU A 396 -10.08 -11.80 43.50
CA LEU A 396 -8.94 -12.14 42.67
C LEU A 396 -7.68 -12.07 43.52
N ASP A 397 -7.05 -13.23 43.72
CA ASP A 397 -5.98 -13.35 44.70
C ASP A 397 -4.58 -13.38 44.10
N GLN A 398 -4.50 -13.26 42.78
CA GLN A 398 -3.20 -13.23 42.13
C GLN A 398 -3.04 -11.93 41.36
N SER A 399 -1.79 -11.51 41.16
CA SER A 399 -1.51 -10.33 40.34
C SER A 399 -1.72 -10.61 38.85
N LEU A 400 -2.54 -9.78 38.21
CA LEU A 400 -2.87 -9.97 36.78
C LEU A 400 -1.64 -9.90 35.89
N ALA A 401 -0.62 -9.14 36.31
CA ALA A 401 0.56 -8.96 35.50
C ALA A 401 1.18 -10.30 35.13
N HIS A 402 1.17 -11.23 36.06
CA HIS A 402 1.69 -12.58 35.78
C HIS A 402 1.04 -13.28 34.57
N TYR A 403 -0.11 -12.82 34.13
CA TYR A 403 -0.82 -13.51 33.05
C TYR A 403 -0.73 -12.81 31.70
N GLY A 404 0.31 -12.00 31.53
CA GLY A 404 0.58 -11.39 30.24
C GLY A 404 -0.30 -10.18 30.00
N ARG A 405 -0.48 -9.77 28.76
CA ARG A 405 -1.14 -8.51 28.55
C ARG A 405 -2.56 -8.66 28.06
N PRO A 406 -3.41 -7.73 28.49
CA PRO A 406 -4.82 -7.71 28.09
C PRO A 406 -4.97 -7.81 26.57
N LYS A 407 -5.90 -8.63 26.12
CA LYS A 407 -6.16 -8.80 24.69
C LYS A 407 -7.51 -8.16 24.31
N ILE A 408 -8.53 -8.45 25.09
CA ILE A 408 -9.86 -7.90 24.87
C ILE A 408 -10.72 -8.18 26.08
N ASP A 409 -11.62 -7.26 26.43
CA ASP A 409 -12.59 -7.57 27.49
C ASP A 409 -13.97 -7.06 27.14
N GLY A 410 -15.01 -7.80 27.53
CA GLY A 410 -16.36 -7.43 27.19
C GLY A 410 -17.41 -8.42 27.64
N GLU A 411 -18.65 -8.23 27.18
CA GLU A 411 -19.79 -9.04 27.60
C GLU A 411 -20.06 -10.20 26.63
N LEU A 412 -20.18 -11.42 27.16
CA LEU A 412 -20.53 -12.59 26.36
C LEU A 412 -21.51 -13.48 27.12
N LYS A 413 -21.79 -14.65 26.57
CA LYS A 413 -22.62 -15.67 27.25
C LYS A 413 -21.91 -17.03 27.22
N ILE A 414 -21.75 -17.63 28.39
CA ILE A 414 -21.13 -18.94 28.47
C ILE A 414 -22.11 -20.02 28.96
N THR A 415 -21.82 -21.26 28.57
CA THR A 415 -22.29 -22.43 29.28
C THR A 415 -21.07 -23.32 29.41
N SER A 416 -20.98 -24.05 30.52
CA SER A 416 -19.89 -24.99 30.73
C SER A 416 -20.41 -26.41 30.62
N VAL A 417 -19.82 -27.33 31.36
CA VAL A 417 -20.31 -28.71 31.39
C VAL A 417 -21.13 -28.97 32.65
N GLU A 418 -21.65 -27.90 33.24
CA GLU A 418 -22.42 -27.99 34.47
C GLU A 418 -23.63 -27.08 34.40
N ARG A 419 -23.70 -26.29 33.33
CA ARG A 419 -24.83 -25.42 33.07
C ARG A 419 -25.23 -25.55 31.61
N ARG A 420 -26.41 -25.06 31.28
CA ARG A 420 -26.91 -25.21 29.92
C ARG A 420 -27.66 -23.96 29.50
N SER A 421 -28.37 -23.37 30.45
CA SER A 421 -29.01 -22.09 30.21
C SER A 421 -27.94 -21.01 30.11
N LYS A 422 -27.86 -20.41 28.93
CA LYS A 422 -26.92 -19.34 28.68
C LYS A 422 -26.78 -18.42 29.89
N MET A 423 -25.59 -18.45 30.48
CA MET A 423 -25.19 -17.55 31.55
C MET A 423 -24.53 -16.30 30.99
N ASP A 424 -25.11 -15.13 31.27
CA ASP A 424 -24.47 -13.88 30.89
C ASP A 424 -23.29 -13.64 31.81
N ARG A 425 -22.13 -13.35 31.22
CA ARG A 425 -20.93 -13.08 32.02
C ARG A 425 -20.06 -11.98 31.40
N TYR A 426 -19.16 -11.41 32.19
CA TYR A 426 -18.16 -10.47 31.69
C TYR A 426 -16.79 -11.16 31.65
N ALA A 427 -16.03 -10.93 30.58
CA ALA A 427 -14.75 -11.63 30.46
C ALA A 427 -13.59 -10.71 30.19
N PHE A 428 -12.49 -10.96 30.89
CA PHE A 428 -11.21 -10.36 30.57
C PHE A 428 -10.31 -11.45 30.00
N LEU A 429 -9.88 -11.29 28.76
CA LEU A 429 -8.88 -12.18 28.16
C LEU A 429 -7.49 -11.57 28.28
N LEU A 430 -6.53 -12.36 28.78
CA LEU A 430 -5.11 -11.99 28.74
C LEU A 430 -4.35 -13.14 28.09
N ASP A 431 -3.12 -12.88 27.65
CA ASP A 431 -2.32 -13.88 26.96
C ASP A 431 -2.47 -15.25 27.62
N LYS A 432 -2.50 -15.29 28.94
CA LYS A 432 -2.36 -16.56 29.67
C LYS A 432 -3.60 -16.97 30.44
N ALA A 433 -4.69 -16.21 30.33
CA ALA A 433 -5.83 -16.46 31.19
C ALA A 433 -7.13 -15.81 30.74
N LEU A 434 -8.23 -16.53 30.92
CA LEU A 434 -9.55 -15.94 30.78
C LEU A 434 -10.21 -15.75 32.15
N LEU A 435 -10.52 -14.51 32.50
CA LEU A 435 -11.24 -14.23 33.73
C LEU A 435 -12.74 -14.12 33.44
N ILE A 436 -13.50 -15.15 33.81
CA ILE A 436 -14.96 -15.12 33.71
C ILE A 436 -15.55 -14.45 34.95
N CYS A 437 -16.46 -13.51 34.76
CA CYS A 437 -16.90 -12.68 35.88
C CYS A 437 -18.38 -12.31 35.80
N LYS A 438 -18.93 -11.91 36.93
CA LYS A 438 -20.29 -11.40 36.97
C LYS A 438 -20.21 -9.95 37.35
N ARG A 439 -20.62 -9.05 36.45
CA ARG A 439 -20.50 -7.62 36.70
C ARG A 439 -21.56 -7.11 37.68
N ARG A 440 -21.12 -6.40 38.71
CA ARG A 440 -22.04 -5.79 39.66
C ARG A 440 -21.81 -4.27 39.68
N GLY A 441 -22.38 -3.60 38.70
CA GLY A 441 -22.20 -2.16 38.56
C GLY A 441 -20.82 -1.84 38.04
N ASP A 442 -20.00 -1.25 38.91
CA ASP A 442 -18.64 -0.85 38.55
C ASP A 442 -17.60 -1.85 39.05
N SER A 443 -18.06 -2.85 39.81
CA SER A 443 -17.19 -3.92 40.29
C SER A 443 -17.50 -5.26 39.64
N TYR A 444 -16.48 -6.09 39.50
CA TYR A 444 -16.59 -7.36 38.79
C TYR A 444 -16.18 -8.47 39.74
N ASP A 445 -17.07 -9.42 39.96
CA ASP A 445 -16.77 -10.55 40.84
C ASP A 445 -16.24 -11.71 40.00
N LEU A 446 -15.04 -12.19 40.34
CA LEU A 446 -14.40 -13.26 39.60
C LEU A 446 -15.02 -14.63 39.90
N LYS A 447 -15.90 -15.09 39.01
CA LYS A 447 -16.59 -16.38 39.21
C LYS A 447 -15.80 -17.59 38.71
N ASP A 448 -14.87 -17.39 37.76
CA ASP A 448 -14.14 -18.53 37.19
C ASP A 448 -12.88 -18.18 36.40
N PHE A 449 -11.74 -18.19 37.08
CA PHE A 449 -10.43 -18.00 36.46
C PHE A 449 -10.12 -19.22 35.60
N VAL A 450 -9.66 -18.99 34.39
CA VAL A 450 -9.37 -20.09 33.47
C VAL A 450 -7.94 -20.01 32.98
N ASN A 451 -7.11 -20.93 33.45
CA ASN A 451 -5.71 -20.96 33.07
C ASN A 451 -5.54 -21.54 31.67
N LEU A 452 -5.33 -20.65 30.69
CA LEU A 452 -5.37 -21.03 29.28
C LEU A 452 -4.21 -21.90 28.80
N HIS A 453 -3.26 -22.23 29.68
CA HIS A 453 -2.22 -23.21 29.35
C HIS A 453 -2.84 -24.52 28.83
N SER A 454 -4.01 -24.85 29.33
CA SER A 454 -4.61 -26.16 29.08
C SER A 454 -5.70 -26.18 28.00
N PHE A 455 -6.02 -25.01 27.43
CA PHE A 455 -7.16 -24.91 26.51
C PHE A 455 -6.80 -24.61 25.05
N GLN A 456 -7.74 -24.90 24.16
CA GLN A 456 -7.57 -24.73 22.71
C GLN A 456 -8.90 -24.32 22.07
N VAL A 457 -8.82 -23.62 20.94
CA VAL A 457 -10.01 -23.11 20.26
C VAL A 457 -10.52 -24.03 19.15
N ARG A 458 -11.82 -24.29 19.16
CA ARG A 458 -12.42 -25.17 18.16
C ARG A 458 -13.71 -24.52 17.66
N ASP A 459 -13.72 -24.12 16.38
CA ASP A 459 -14.87 -23.38 15.84
C ASP A 459 -16.07 -24.31 15.65
N ASP A 460 -17.24 -23.71 15.40
CA ASP A 460 -18.46 -24.45 15.06
C ASP A 460 -19.61 -23.49 14.82
N ASP A 466 -27.00 -19.10 9.47
CA ASP A 466 -28.02 -18.06 9.56
C ASP A 466 -27.72 -17.13 10.74
N ASN A 467 -27.61 -15.84 10.45
CA ASN A 467 -27.25 -14.86 11.46
C ASN A 467 -28.34 -14.60 12.50
N LYS A 468 -28.43 -15.46 13.51
CA LYS A 468 -29.31 -15.19 14.65
C LYS A 468 -28.54 -14.54 15.80
N LYS A 469 -29.00 -13.36 16.21
CA LYS A 469 -28.34 -12.60 17.27
C LYS A 469 -28.12 -13.47 18.52
N TRP A 470 -26.84 -13.66 18.88
CA TRP A 470 -26.37 -14.49 20.03
C TRP A 470 -26.12 -15.98 19.77
N SER A 471 -26.04 -16.39 18.50
CA SER A 471 -25.84 -17.80 18.17
C SER A 471 -24.42 -18.08 17.72
N HIS A 472 -23.63 -17.03 17.58
CA HIS A 472 -22.26 -17.17 17.08
C HIS A 472 -21.33 -17.66 18.18
N MET A 473 -21.05 -18.96 18.20
CA MET A 473 -20.21 -19.53 19.24
C MET A 473 -18.98 -20.29 18.71
N PHE A 474 -17.95 -20.35 19.53
CA PHE A 474 -16.84 -21.27 19.31
C PHE A 474 -16.52 -21.93 20.63
N LEU A 475 -15.82 -23.05 20.58
CA LEU A 475 -15.61 -23.87 21.76
C LEU A 475 -14.22 -23.68 22.34
N LEU A 476 -14.15 -23.64 23.66
CA LEU A 476 -12.90 -23.55 24.38
C LEU A 476 -12.72 -24.83 25.18
N ILE A 477 -11.87 -25.74 24.68
CA ILE A 477 -11.73 -27.09 25.25
C ILE A 477 -10.31 -27.45 25.68
N GLU A 478 -10.18 -28.14 26.81
CA GLU A 478 -8.88 -28.68 27.23
C GLU A 478 -8.72 -30.06 26.65
N ASP A 479 -7.56 -30.35 26.07
CA ASP A 479 -7.41 -31.66 25.43
C ASP A 479 -6.90 -32.74 26.37
N GLN A 480 -7.23 -32.59 27.65
CA GLN A 480 -7.10 -33.67 28.61
C GLN A 480 -8.10 -33.43 29.73
N GLY A 481 -9.33 -33.06 29.36
CA GLY A 481 -10.35 -32.74 30.35
C GLY A 481 -11.76 -32.96 29.85
N TYR A 485 -15.92 -24.92 27.85
CA TYR A 485 -16.93 -23.87 27.76
C TYR A 485 -17.30 -23.62 26.32
N GLU A 486 -18.58 -23.34 26.06
CA GLU A 486 -18.90 -22.71 24.78
C GLU A 486 -19.18 -21.22 24.97
N LEU A 487 -18.68 -20.42 24.04
CA LEU A 487 -18.75 -18.98 24.19
C LEU A 487 -19.62 -18.40 23.09
N PHE A 488 -20.67 -17.67 23.47
CA PHE A 488 -21.60 -17.11 22.50
C PHE A 488 -21.46 -15.60 22.38
N PHE A 489 -21.51 -15.10 21.15
CA PHE A 489 -21.30 -13.67 20.93
C PHE A 489 -22.47 -13.02 20.20
N LYS A 490 -22.75 -11.77 20.56
CA LYS A 490 -23.93 -11.10 20.05
C LYS A 490 -23.96 -11.16 18.53
N THR A 491 -22.81 -10.97 17.90
CA THR A 491 -22.76 -10.89 16.45
C THR A 491 -21.64 -11.71 15.85
N ARG A 492 -21.75 -11.98 14.55
CA ARG A 492 -20.72 -12.68 13.83
C ARG A 492 -19.37 -11.98 13.99
N GLU A 493 -19.36 -10.66 13.90
CA GLU A 493 -18.13 -9.88 13.96
C GLU A 493 -17.49 -9.90 15.35
N LEU A 494 -18.32 -9.82 16.38
CA LEU A 494 -17.82 -9.96 17.75
C LEU A 494 -17.10 -11.30 17.94
N LYS A 495 -17.77 -12.40 17.59
CA LYS A 495 -17.16 -13.73 17.66
C LYS A 495 -15.83 -13.80 16.92
N LYS A 496 -15.77 -13.20 15.73
CA LYS A 496 -14.54 -13.25 14.96
C LYS A 496 -13.42 -12.52 15.66
N LYS A 497 -13.80 -11.45 16.35
CA LYS A 497 -12.83 -10.55 16.99
C LYS A 497 -12.27 -11.19 18.28
N TRP A 498 -13.12 -11.93 19.00
CA TRP A 498 -12.70 -12.71 20.17
C TRP A 498 -11.90 -13.95 19.78
N MET A 499 -12.42 -14.73 18.83
CA MET A 499 -11.70 -15.94 18.40
C MET A 499 -10.29 -15.57 17.94
N GLU A 500 -10.18 -14.47 17.20
CA GLU A 500 -8.89 -13.96 16.77
C GLU A 500 -7.97 -13.66 17.95
N GLN A 501 -8.53 -13.06 19.01
CA GLN A 501 -7.72 -12.79 20.19
C GLN A 501 -7.35 -14.09 20.93
N PHE A 502 -8.25 -15.05 20.94
CA PHE A 502 -7.94 -16.31 21.61
C PHE A 502 -6.78 -16.99 20.91
N GLU A 503 -6.76 -16.89 19.59
CA GLU A 503 -5.67 -17.50 18.84
C GLU A 503 -4.32 -16.79 19.11
N MET A 504 -4.30 -15.46 19.16
CA MET A 504 -3.04 -14.77 19.43
C MET A 504 -2.53 -15.12 20.84
N ALA A 505 -3.47 -15.28 21.77
CA ALA A 505 -3.13 -15.54 23.17
C ALA A 505 -2.47 -16.90 23.26
N ILE A 506 -3.14 -17.87 22.66
CA ILE A 506 -2.63 -19.24 22.65
C ILE A 506 -1.32 -19.37 21.84
N SER A 507 -1.19 -18.62 20.76
CA SER A 507 0.05 -18.63 19.99
C SER A 507 1.19 -18.03 20.79
N ASN A 508 0.88 -17.03 21.62
CA ASN A 508 1.90 -16.44 22.49
C ASN A 508 2.37 -17.42 23.55
N ILE A 509 1.44 -18.24 24.05
CA ILE A 509 1.79 -19.21 25.05
C ILE A 509 2.65 -20.28 24.41
N TYR A 510 2.23 -20.71 23.22
CA TYR A 510 2.88 -21.81 22.50
C TYR A 510 3.23 -21.37 21.07
N PRO A 511 4.32 -20.61 20.91
CA PRO A 511 4.67 -20.11 19.58
C PRO A 511 5.29 -21.20 18.74
N GLU A 512 5.43 -20.96 17.45
CA GLU A 512 6.15 -21.92 16.61
C GLU A 512 7.61 -22.09 17.07
N ASN A 513 8.05 -23.34 17.13
CA ASN A 513 9.44 -23.65 17.49
C ASN A 513 9.75 -23.48 18.97
N ALA A 514 8.70 -23.39 19.78
CA ALA A 514 8.87 -23.22 21.22
C ALA A 514 9.62 -24.40 21.81
N THR A 515 9.40 -25.59 21.23
CA THR A 515 10.01 -26.81 21.73
C THR A 515 11.06 -27.34 20.75
N ALA A 516 11.47 -26.47 19.83
CA ALA A 516 12.44 -26.84 18.78
C ALA A 516 13.88 -26.92 19.30
N ASN A 517 14.63 -27.87 18.75
CA ASN A 517 16.05 -28.02 19.09
C ASN A 517 16.29 -28.28 20.58
N GLY A 518 15.38 -29.03 21.21
CA GLY A 518 15.49 -29.36 22.63
C GLY A 518 15.14 -28.25 23.63
N HIS A 519 14.88 -27.04 23.13
CA HIS A 519 14.52 -25.89 23.99
C HIS A 519 13.16 -26.06 24.65
N ASP A 520 12.90 -25.21 25.65
CA ASP A 520 11.59 -25.14 26.28
C ASP A 520 11.18 -23.69 26.50
N PHE A 521 10.88 -22.99 25.40
CA PHE A 521 10.63 -21.54 25.43
C PHE A 521 9.27 -21.20 26.00
N GLN A 522 9.23 -20.24 26.92
CA GLN A 522 7.96 -19.77 27.49
C GLN A 522 7.95 -18.25 27.65
N MET A 523 6.76 -17.65 27.70
CA MET A 523 6.67 -16.21 27.86
C MET A 523 7.45 -15.87 29.15
N PHE A 524 8.12 -14.73 29.17
CA PHE A 524 8.93 -14.32 30.32
C PHE A 524 9.18 -12.78 30.32
N SER A 525 8.97 -12.13 31.47
CA SER A 525 9.31 -10.71 31.59
C SER A 525 10.71 -10.55 32.15
N PHE A 526 11.62 -10.10 31.30
CA PHE A 526 13.01 -9.91 31.68
C PHE A 526 13.13 -8.62 32.49
N GLU A 527 13.92 -8.69 33.56
CA GLU A 527 14.07 -7.53 34.43
C GLU A 527 15.16 -6.63 33.87
N GLU A 528 16.17 -7.23 33.29
CA GLU A 528 17.31 -6.47 32.80
C GLU A 528 17.27 -6.41 31.28
N THR A 529 17.88 -5.36 30.72
CA THR A 529 18.04 -5.26 29.29
C THR A 529 18.59 -6.55 28.69
N THR A 530 17.88 -7.09 27.70
CA THR A 530 18.20 -8.39 27.13
C THR A 530 18.26 -8.39 25.60
N SER A 531 19.19 -9.18 25.05
CA SER A 531 19.25 -9.36 23.60
C SER A 531 18.94 -10.81 23.27
N CYS A 532 18.57 -11.06 22.03
CA CYS A 532 18.18 -12.39 21.59
C CYS A 532 19.37 -13.24 21.14
N LYS A 533 19.34 -14.54 21.46
CA LYS A 533 20.45 -15.43 21.13
C LYS A 533 20.35 -15.86 19.66
N ALA A 534 19.51 -15.15 18.92
CA ALA A 534 19.39 -15.40 17.47
C ALA A 534 19.58 -14.12 16.64
N CYS A 535 18.63 -13.18 16.69
CA CYS A 535 18.81 -11.92 15.93
C CYS A 535 19.76 -10.94 16.60
N GLN A 536 20.30 -11.34 17.75
CA GLN A 536 21.26 -10.53 18.50
C GLN A 536 20.75 -9.13 18.84
N MET A 537 19.55 -8.79 18.39
CA MET A 537 18.98 -7.49 18.70
C MET A 537 18.11 -7.52 19.96
N LEU A 538 17.73 -6.34 20.42
CA LEU A 538 17.11 -6.20 21.73
C LEU A 538 15.67 -6.72 21.84
N LEU A 539 15.36 -7.33 22.98
CA LEU A 539 13.99 -7.56 23.36
C LEU A 539 13.49 -6.27 23.98
N ARG A 540 12.36 -5.77 23.48
CA ARG A 540 11.94 -4.42 23.80
C ARG A 540 10.78 -4.38 24.77
N GLY A 541 10.79 -3.37 25.64
CA GLY A 541 9.75 -3.25 26.64
C GLY A 541 10.26 -3.58 28.02
N THR A 542 9.36 -3.51 29.01
CA THR A 542 9.71 -3.81 30.39
C THR A 542 8.87 -4.97 30.95
N PHE A 543 8.16 -5.67 30.07
CA PHE A 543 7.08 -6.52 30.51
C PHE A 543 6.74 -7.54 29.42
N TYR A 544 7.04 -8.81 29.69
CA TYR A 544 6.89 -9.89 28.71
C TYR A 544 7.45 -9.55 27.34
N GLN A 545 8.72 -9.18 27.33
CA GLN A 545 9.41 -8.79 26.12
C GLN A 545 9.58 -9.93 25.12
N GLY A 546 9.50 -11.16 25.61
CA GLY A 546 9.73 -12.31 24.75
C GLY A 546 9.71 -13.64 25.49
N TYR A 547 10.63 -14.52 25.10
CA TYR A 547 10.65 -15.90 25.63
C TYR A 547 12.00 -16.30 26.21
N ARG A 548 11.98 -17.32 27.07
CA ARG A 548 13.17 -17.81 27.78
C ARG A 548 13.09 -19.31 27.94
N CYS A 549 14.22 -19.98 27.68
CA CYS A 549 14.29 -21.42 27.86
C CYS A 549 14.94 -21.64 29.20
N HIS A 550 14.19 -22.19 30.15
CA HIS A 550 14.71 -22.35 31.52
C HIS A 550 15.91 -23.27 31.59
N ARG A 551 16.27 -23.87 30.46
CA ARG A 551 17.25 -24.94 30.44
C ARG A 551 18.64 -24.49 30.00
N CYS A 552 18.68 -23.57 29.03
CA CYS A 552 19.95 -23.06 28.51
C CYS A 552 20.06 -21.54 28.76
N ARG A 553 19.03 -20.95 29.34
CA ARG A 553 19.04 -19.54 29.74
C ARG A 553 18.90 -18.57 28.56
N ALA A 554 18.67 -19.14 27.37
CA ALA A 554 18.53 -18.33 26.15
C ALA A 554 17.31 -17.44 26.18
N SER A 555 17.40 -16.31 25.48
CA SER A 555 16.29 -15.38 25.36
C SER A 555 16.03 -15.08 23.88
N ALA A 556 14.76 -15.01 23.49
CA ALA A 556 14.43 -14.73 22.08
C ALA A 556 13.13 -13.96 21.84
N HIS A 557 13.11 -13.22 20.74
CA HIS A 557 11.88 -12.67 20.19
C HIS A 557 11.01 -13.87 19.80
N LYS A 558 9.69 -13.68 19.76
CA LYS A 558 8.78 -14.74 19.35
C LYS A 558 9.15 -15.26 17.96
N GLU A 559 9.50 -14.34 17.05
CA GLU A 559 9.84 -14.73 15.68
C GLU A 559 11.22 -15.37 15.53
N CYS A 560 12.18 -14.91 16.33
CA CYS A 560 13.55 -15.40 16.21
C CYS A 560 13.72 -16.86 16.72
N LEU A 561 12.62 -17.46 17.20
CA LEU A 561 12.66 -18.70 18.02
C LEU A 561 13.37 -19.94 17.48
N GLY A 562 13.14 -20.26 16.22
CA GLY A 562 13.72 -21.46 15.64
C GLY A 562 15.18 -21.26 15.26
N ARG A 563 15.58 -20.00 15.07
CA ARG A 563 16.95 -19.69 14.67
C ARG A 563 17.89 -19.73 15.86
N VAL A 564 17.34 -19.96 17.04
CA VAL A 564 18.13 -20.02 18.25
C VAL A 564 18.88 -21.34 18.36
N PRO A 565 20.22 -21.28 18.38
CA PRO A 565 21.17 -22.40 18.54
C PRO A 565 20.61 -23.43 19.52
N PRO A 566 20.83 -24.73 19.23
CA PRO A 566 20.28 -25.84 20.02
C PRO A 566 20.54 -25.73 21.53
N CYS A 567 19.64 -26.32 22.31
CA CYS A 567 19.69 -26.25 23.78
C CYS A 567 20.92 -26.96 24.35
N LYS B 4 -21.56 15.27 -53.32
CA LYS B 4 -21.00 15.56 -51.97
C LYS B 4 -19.50 15.26 -51.76
N GLU B 5 -18.89 16.01 -50.83
CA GLU B 5 -17.44 16.02 -50.61
C GLU B 5 -16.78 14.64 -50.67
N LEU B 6 -15.49 14.64 -50.99
CA LEU B 6 -14.75 13.39 -51.20
C LEU B 6 -14.26 12.70 -49.92
N TRP B 7 -13.96 13.46 -48.89
CA TRP B 7 -13.58 12.84 -47.63
C TRP B 7 -14.80 12.25 -46.94
N ARG B 8 -15.98 12.79 -47.24
CA ARG B 8 -17.25 12.23 -46.76
C ARG B 8 -17.47 10.89 -47.45
N GLN B 9 -17.00 10.76 -48.68
CA GLN B 9 -17.10 9.50 -49.42
C GLN B 9 -16.18 8.46 -48.82
N CYS B 10 -14.97 8.90 -48.49
CA CYS B 10 -14.00 8.06 -47.82
C CYS B 10 -14.59 7.49 -46.53
N THR B 11 -15.07 8.40 -45.67
CA THR B 11 -15.72 8.02 -44.44
C THR B 11 -16.70 6.89 -44.68
N HIS B 12 -17.72 7.17 -45.48
CA HIS B 12 -18.73 6.18 -45.77
C HIS B 12 -18.07 4.86 -46.15
N TRP B 13 -17.09 4.91 -47.03
CA TRP B 13 -16.44 3.69 -47.47
C TRP B 13 -15.76 3.00 -46.30
N LEU B 14 -15.06 3.76 -45.47
CA LEU B 14 -14.35 3.19 -44.33
C LEU B 14 -15.33 2.56 -43.35
N ILE B 15 -16.53 3.13 -43.25
CA ILE B 15 -17.58 2.53 -42.45
C ILE B 15 -18.08 1.23 -43.08
N GLN B 16 -18.20 1.19 -44.40
CA GLN B 16 -18.61 -0.01 -45.11
C GLN B 16 -17.58 -1.11 -44.96
N CYS B 17 -16.32 -0.71 -44.80
CA CYS B 17 -15.24 -1.66 -44.56
C CYS B 17 -15.10 -2.07 -43.08
N ARG B 18 -16.09 -1.69 -42.26
CA ARG B 18 -16.16 -2.07 -40.85
C ARG B 18 -14.99 -1.53 -40.02
N VAL B 19 -14.36 -0.47 -40.51
CA VAL B 19 -13.15 0.11 -39.91
C VAL B 19 -13.42 1.22 -38.88
N LEU B 20 -14.51 1.92 -39.10
CA LEU B 20 -14.89 3.08 -38.31
C LEU B 20 -16.26 2.76 -37.69
N PRO B 21 -16.37 2.82 -36.35
CA PRO B 21 -17.68 2.50 -35.77
C PRO B 21 -18.75 3.48 -36.25
N PRO B 22 -19.88 2.97 -36.76
CA PRO B 22 -20.92 3.80 -37.39
C PRO B 22 -21.56 4.81 -36.44
N SER B 23 -21.02 4.88 -35.24
CA SER B 23 -21.46 5.82 -34.21
C SER B 23 -20.34 6.83 -33.85
N HIS B 24 -19.37 6.98 -34.74
CA HIS B 24 -18.19 7.81 -34.44
C HIS B 24 -18.36 9.27 -34.87
N ARG B 25 -17.64 10.16 -34.19
CA ARG B 25 -17.83 11.62 -34.33
C ARG B 25 -17.75 12.16 -35.77
N VAL B 26 -17.04 11.46 -36.65
CA VAL B 26 -17.01 11.84 -38.06
C VAL B 26 -18.30 11.45 -38.76
N THR B 27 -19.20 10.85 -38.01
CA THR B 27 -20.51 10.45 -38.51
C THR B 27 -21.57 11.52 -38.29
N TRP B 28 -21.42 12.27 -37.20
CA TRP B 28 -22.39 13.24 -36.75
C TRP B 28 -22.53 14.44 -37.68
N GLU B 29 -23.74 15.02 -37.71
CA GLU B 29 -23.97 16.25 -38.47
C GLU B 29 -22.96 17.26 -37.93
N GLY B 30 -22.23 17.91 -38.85
CA GLY B 30 -21.25 18.90 -38.44
C GLY B 30 -19.81 18.45 -38.61
N ALA B 31 -19.60 17.13 -38.63
CA ALA B 31 -18.27 16.57 -38.61
C ALA B 31 -17.36 17.32 -39.57
N GLN B 32 -16.22 17.78 -39.05
CA GLN B 32 -15.19 18.44 -39.85
C GLN B 32 -14.29 17.41 -40.56
N VAL B 33 -13.54 17.85 -41.56
CA VAL B 33 -12.56 16.95 -42.16
C VAL B 33 -11.55 16.53 -41.11
N CYS B 34 -11.18 17.47 -40.25
CA CYS B 34 -10.13 17.21 -39.26
C CYS B 34 -10.44 16.01 -38.35
N GLU B 35 -11.73 15.76 -38.11
CA GLU B 35 -12.13 14.66 -37.27
C GLU B 35 -11.79 13.31 -37.91
N LEU B 36 -11.88 13.25 -39.23
CA LEU B 36 -11.44 12.06 -39.97
C LEU B 36 -9.96 11.82 -39.88
N ALA B 37 -9.19 12.86 -40.17
CA ALA B 37 -7.74 12.78 -40.10
C ALA B 37 -7.29 12.47 -38.67
N GLN B 38 -7.94 13.07 -37.70
CA GLN B 38 -7.62 12.78 -36.31
C GLN B 38 -7.76 11.27 -36.03
N ALA B 39 -8.73 10.63 -36.68
CA ALA B 39 -9.03 9.22 -36.42
C ALA B 39 -8.09 8.24 -37.16
N LEU B 40 -7.42 8.76 -38.18
CA LEU B 40 -6.51 7.95 -38.99
C LEU B 40 -5.04 8.18 -38.67
N ARG B 41 -4.70 9.23 -37.91
CA ARG B 41 -3.30 9.63 -37.82
C ARG B 41 -2.38 8.70 -37.02
N ASP B 42 -2.93 7.91 -36.10
CA ASP B 42 -2.23 6.71 -35.64
C ASP B 42 -2.64 5.63 -36.61
N GLY B 43 -1.69 4.93 -37.18
CA GLY B 43 -2.03 4.18 -38.38
C GLY B 43 -2.87 2.93 -38.11
N VAL B 44 -3.45 2.87 -36.92
CA VAL B 44 -4.20 1.70 -36.48
C VAL B 44 -5.43 1.35 -37.33
N LEU B 45 -6.41 2.23 -37.46
CA LEU B 45 -7.57 1.88 -38.30
C LEU B 45 -7.12 1.49 -39.69
N LEU B 46 -6.13 2.20 -40.22
CA LEU B 46 -5.62 1.93 -41.56
C LEU B 46 -5.08 0.52 -41.69
N CYS B 47 -4.34 0.05 -40.69
CA CYS B 47 -3.86 -1.32 -40.68
C CYS B 47 -5.01 -2.34 -40.61
N GLN B 48 -6.00 -2.06 -39.76
CA GLN B 48 -7.17 -2.90 -39.67
C GLN B 48 -7.90 -2.92 -41.01
N LEU B 49 -8.05 -1.74 -41.60
CA LEU B 49 -8.69 -1.63 -42.91
C LEU B 49 -8.15 -2.70 -43.83
N LEU B 50 -6.84 -2.70 -44.02
CA LEU B 50 -6.24 -3.72 -44.88
C LEU B 50 -6.67 -5.15 -44.51
N ASN B 51 -6.64 -5.51 -43.23
CA ASN B 51 -7.03 -6.85 -42.84
C ASN B 51 -8.50 -7.18 -43.11
N ASN B 52 -9.38 -6.18 -43.02
CA ASN B 52 -10.79 -6.42 -43.34
C ASN B 52 -11.04 -6.70 -44.81
N LEU B 53 -10.08 -6.35 -45.66
CA LEU B 53 -10.17 -6.54 -47.11
C LEU B 53 -9.41 -7.79 -47.54
N LEU B 54 -8.17 -7.89 -47.07
CA LEU B 54 -7.37 -9.09 -47.29
C LEU B 54 -7.06 -9.71 -45.95
N PRO B 55 -7.87 -10.68 -45.53
CA PRO B 55 -7.61 -11.33 -44.24
C PRO B 55 -6.15 -11.75 -44.13
N HIS B 56 -5.54 -11.43 -43.00
CA HIS B 56 -4.15 -11.75 -42.70
C HIS B 56 -3.11 -10.91 -43.49
N ALA B 57 -3.53 -9.76 -44.00
CA ALA B 57 -2.61 -8.84 -44.70
C ALA B 57 -1.46 -8.36 -43.82
N ILE B 58 -1.77 -8.16 -42.54
CA ILE B 58 -0.82 -7.63 -41.56
C ILE B 58 -1.00 -8.39 -40.26
N ASN B 59 0.07 -8.97 -39.74
CA ASN B 59 -0.02 -9.64 -38.44
C ASN B 59 0.00 -8.62 -37.32
N LEU B 60 -0.91 -8.78 -36.36
CA LEU B 60 -1.10 -7.80 -35.30
C LEU B 60 0.15 -7.48 -34.49
N ARG B 61 1.04 -8.46 -34.35
CA ARG B 61 2.26 -8.26 -33.59
C ARG B 61 3.13 -7.23 -34.29
N GLU B 62 2.70 -6.80 -35.47
CA GLU B 62 3.40 -5.80 -36.27
C GLU B 62 2.69 -4.45 -36.23
N VAL B 63 1.56 -4.43 -35.54
CA VAL B 63 0.81 -3.21 -35.38
C VAL B 63 0.92 -2.71 -33.94
N ASN B 64 1.11 -1.42 -33.80
CA ASN B 64 1.16 -0.82 -32.49
C ASN B 64 -0.24 -0.34 -32.11
N LEU B 65 -0.96 -1.19 -31.39
CA LEU B 65 -2.40 -1.03 -31.18
C LEU B 65 -2.83 0.18 -30.34
N ARG B 66 -1.97 0.69 -29.49
CA ARG B 66 -2.31 1.89 -28.73
C ARG B 66 -1.17 2.89 -28.73
N PRO B 67 -0.91 3.51 -29.89
CA PRO B 67 0.33 4.26 -30.04
C PRO B 67 0.23 5.77 -29.74
N GLN B 68 -0.85 6.22 -29.10
CA GLN B 68 -1.14 7.65 -29.08
C GLN B 68 -0.14 8.53 -28.34
N MET B 69 0.54 7.97 -27.35
CA MET B 69 1.62 8.68 -26.67
C MET B 69 2.94 8.64 -27.43
N SER B 70 2.94 8.16 -28.68
CA SER B 70 4.20 7.94 -29.39
C SER B 70 4.25 8.23 -30.90
N GLN B 71 4.95 9.28 -31.31
CA GLN B 71 5.06 9.55 -32.75
C GLN B 71 5.76 8.42 -33.49
N PHE B 72 6.68 7.76 -32.79
CA PHE B 72 7.45 6.66 -33.35
C PHE B 72 6.56 5.45 -33.69
N LEU B 73 5.66 5.09 -32.77
CA LEU B 73 4.82 3.91 -32.97
C LEU B 73 3.68 4.15 -33.95
N CYS B 74 3.24 5.41 -34.05
CA CYS B 74 2.26 5.79 -35.06
C CYS B 74 2.89 5.70 -36.43
N LEU B 75 4.10 6.25 -36.56
CA LEU B 75 4.79 6.22 -37.85
C LEU B 75 5.02 4.80 -38.35
N LYS B 76 5.43 3.90 -37.45
CA LYS B 76 5.64 2.52 -37.84
C LYS B 76 4.37 1.85 -38.34
N ASN B 77 3.23 2.20 -37.74
CA ASN B 77 1.93 1.69 -38.19
C ASN B 77 1.59 2.19 -39.60
N ILE B 78 1.80 3.47 -39.84
CA ILE B 78 1.59 4.01 -41.19
C ILE B 78 2.53 3.43 -42.25
N ARG B 79 3.80 3.21 -41.92
CA ARG B 79 4.74 2.59 -42.85
C ARG B 79 4.36 1.15 -43.10
N THR B 80 3.92 0.45 -42.05
CA THR B 80 3.44 -0.91 -42.22
C THR B 80 2.24 -0.87 -43.16
N PHE B 81 1.37 0.11 -42.98
CA PHE B 81 0.21 0.24 -43.84
C PHE B 81 0.61 0.49 -45.30
N LEU B 82 1.29 1.59 -45.55
CA LEU B 82 1.77 1.93 -46.89
C LEU B 82 2.52 0.78 -47.55
N SER B 83 3.43 0.17 -46.80
CA SER B 83 4.27 -0.91 -47.33
C SER B 83 3.50 -2.19 -47.72
N THR B 84 2.67 -2.73 -46.82
CA THR B 84 1.83 -3.86 -47.20
C THR B 84 0.80 -3.35 -48.20
N CYS B 85 0.56 -2.05 -48.16
CA CYS B 85 -0.44 -1.40 -49.01
C CYS B 85 -0.05 -1.44 -50.48
N CYS B 86 1.23 -1.57 -50.76
CA CYS B 86 1.71 -1.72 -52.11
C CYS B 86 2.18 -3.16 -52.37
N GLU B 87 2.72 -3.80 -51.35
CA GLU B 87 3.23 -5.16 -51.53
C GLU B 87 2.12 -6.22 -51.60
N LYS B 88 0.99 -5.96 -50.98
CA LYS B 88 -0.06 -6.97 -51.00
C LYS B 88 -1.33 -6.47 -51.70
N PHE B 89 -1.35 -5.23 -52.14
CA PHE B 89 -2.60 -4.69 -52.71
C PHE B 89 -2.49 -4.14 -54.12
N GLY B 90 -1.33 -4.26 -54.74
CA GLY B 90 -1.14 -3.76 -56.08
C GLY B 90 -0.58 -2.35 -56.15
N LEU B 91 -1.24 -1.42 -55.46
CA LEU B 91 -0.91 0.02 -55.51
C LEU B 91 0.56 0.34 -55.82
N LYS B 92 0.75 1.34 -56.68
CA LYS B 92 2.09 1.80 -57.05
C LYS B 92 2.56 2.89 -56.10
N ARG B 93 3.87 3.01 -55.91
CA ARG B 93 4.42 3.98 -54.96
C ARG B 93 4.07 5.44 -55.27
N SER B 94 3.46 5.66 -56.43
CA SER B 94 3.07 6.99 -56.88
C SER B 94 1.60 7.19 -56.61
N GLU B 95 1.02 6.24 -55.90
CA GLU B 95 -0.41 6.19 -55.68
C GLU B 95 -0.63 6.14 -54.18
N LEU B 96 0.48 6.04 -53.44
CA LEU B 96 0.43 6.01 -51.99
C LEU B 96 1.21 7.19 -51.39
N PHE B 97 0.62 7.82 -50.39
CA PHE B 97 1.19 8.97 -49.73
C PHE B 97 2.45 8.66 -48.91
N GLU B 98 3.09 9.72 -48.42
CA GLU B 98 4.23 9.58 -47.54
C GLU B 98 3.80 9.83 -46.09
N ALA B 99 4.39 9.09 -45.15
CA ALA B 99 3.91 9.04 -43.78
C ALA B 99 3.43 10.37 -43.23
N PHE B 100 4.27 11.39 -43.29
CA PHE B 100 3.92 12.67 -42.67
C PHE B 100 2.80 13.38 -43.39
N ASP B 101 2.48 12.91 -44.59
CA ASP B 101 1.35 13.47 -45.30
C ASP B 101 0.13 13.18 -44.46
N LEU B 102 0.24 12.14 -43.64
CA LEU B 102 -0.84 11.73 -42.74
C LEU B 102 -0.60 12.18 -41.33
N PHE B 103 0.55 11.81 -40.77
CA PHE B 103 0.74 12.00 -39.34
C PHE B 103 0.86 13.47 -38.95
N ASP B 104 1.40 14.28 -39.84
CA ASP B 104 1.48 15.72 -39.60
C ASP B 104 0.61 16.48 -40.60
N VAL B 105 -0.38 15.78 -41.14
CA VAL B 105 -1.33 16.33 -42.12
C VAL B 105 -0.69 17.27 -43.15
N GLN B 106 0.49 16.90 -43.64
CA GLN B 106 1.19 17.73 -44.63
C GLN B 106 0.57 17.65 -46.05
N ASP B 107 -0.42 16.77 -46.22
CA ASP B 107 -1.12 16.59 -47.49
C ASP B 107 -2.18 15.49 -47.35
N PHE B 108 -3.19 15.76 -46.52
CA PHE B 108 -4.23 14.77 -46.25
C PHE B 108 -4.97 14.43 -47.54
N GLY B 109 -4.95 15.37 -48.48
CA GLY B 109 -5.58 15.16 -49.77
C GLY B 109 -5.04 13.92 -50.46
N LYS B 110 -3.73 13.67 -50.32
CA LYS B 110 -3.10 12.51 -50.94
C LYS B 110 -3.39 11.22 -50.17
N VAL B 111 -3.62 11.34 -48.86
CA VAL B 111 -4.06 10.20 -48.06
C VAL B 111 -5.41 9.71 -48.54
N ILE B 112 -6.32 10.64 -48.81
CA ILE B 112 -7.64 10.29 -49.34
C ILE B 112 -7.59 9.66 -50.72
N TYR B 113 -6.64 10.09 -51.54
CA TYR B 113 -6.46 9.49 -52.84
C TYR B 113 -6.07 8.03 -52.70
N THR B 114 -5.06 7.76 -51.87
CA THR B 114 -4.65 6.39 -51.59
C THR B 114 -5.83 5.46 -51.25
N LEU B 115 -6.73 5.92 -50.37
CA LEU B 115 -7.86 5.09 -49.96
C LEU B 115 -8.81 4.89 -51.13
N SER B 116 -9.18 5.97 -51.80
CA SER B 116 -9.96 5.85 -53.03
C SER B 116 -9.36 4.81 -53.99
N ALA B 117 -8.06 4.92 -54.23
CA ALA B 117 -7.34 3.90 -54.98
C ALA B 117 -7.62 2.52 -54.41
N LEU B 118 -7.50 2.40 -53.09
CA LEU B 118 -7.71 1.13 -52.40
C LEU B 118 -9.13 0.62 -52.69
N SER B 119 -10.09 1.53 -52.69
CA SER B 119 -11.48 1.18 -52.93
C SER B 119 -11.73 0.59 -54.32
N TRP B 120 -10.91 0.98 -55.30
CA TRP B 120 -11.03 0.51 -56.69
C TRP B 120 -10.19 -0.75 -56.99
N THR B 121 -9.37 -1.15 -56.04
CA THR B 121 -8.58 -2.36 -56.15
C THR B 121 -9.43 -3.53 -56.61
N PRO B 122 -8.82 -4.47 -57.33
CA PRO B 122 -9.51 -5.71 -57.65
C PRO B 122 -9.77 -6.55 -56.39
N ILE B 123 -9.46 -5.98 -55.23
CA ILE B 123 -9.70 -6.67 -53.98
C ILE B 123 -10.81 -6.04 -53.18
N ALA B 124 -10.82 -4.71 -53.10
CA ALA B 124 -11.89 -4.00 -52.45
C ALA B 124 -13.21 -4.38 -53.09
N GLN B 125 -13.27 -4.26 -54.41
CA GLN B 125 -14.52 -4.48 -55.09
C GLN B 125 -14.83 -5.97 -55.17
N ASN B 126 -13.79 -6.79 -55.22
CA ASN B 126 -13.90 -8.25 -55.14
C ASN B 126 -14.55 -8.71 -53.82
N ARG B 127 -15.15 -7.76 -53.12
CA ARG B 127 -15.66 -8.03 -51.79
C ARG B 127 -17.03 -7.38 -51.58
N GLY B 128 -17.53 -6.69 -52.60
CA GLY B 128 -18.89 -6.18 -52.55
C GLY B 128 -19.00 -4.70 -52.28
N ILE B 129 -17.91 -4.10 -51.82
CA ILE B 129 -17.93 -2.69 -51.41
C ILE B 129 -17.69 -1.75 -52.55
N MET B 130 -18.68 -0.90 -52.83
CA MET B 130 -18.57 0.12 -53.87
C MET B 130 -17.48 1.15 -53.55
N PRO B 131 -16.58 1.39 -54.51
CA PRO B 131 -15.50 2.40 -54.53
C PRO B 131 -15.94 3.87 -54.40
N PHE B 132 -15.00 4.79 -54.23
CA PHE B 132 -15.29 6.22 -54.22
C PHE B 132 -14.18 6.97 -54.93
N ASP B 141 -14.00 23.02 -54.75
CA ASP B 141 -12.65 23.57 -54.65
C ASP B 141 -12.09 23.52 -53.23
N GLU B 142 -11.18 22.59 -53.02
CA GLU B 142 -10.60 22.32 -51.72
C GLU B 142 -9.62 23.37 -51.23
N ASP B 143 -10.02 24.09 -50.20
CA ASP B 143 -9.10 24.96 -49.48
C ASP B 143 -9.03 24.38 -48.08
N ILE B 144 -9.78 23.31 -47.88
CA ILE B 144 -9.96 22.74 -46.55
C ILE B 144 -8.65 22.29 -45.95
N TYR B 145 -7.95 21.47 -46.70
CA TYR B 145 -6.78 20.79 -46.21
C TYR B 145 -5.63 21.71 -45.80
N SER B 146 -5.72 22.99 -46.18
CA SER B 146 -4.71 23.93 -45.77
C SER B 146 -4.81 24.13 -44.26
N GLY B 147 -6.02 24.48 -43.80
CA GLY B 147 -6.25 24.78 -42.39
C GLY B 147 -6.03 23.61 -41.46
N LEU B 148 -5.59 22.49 -42.02
CA LEU B 148 -5.49 21.23 -41.29
C LEU B 148 -4.53 21.21 -40.11
N SER B 149 -3.28 21.59 -40.36
CA SER B 149 -2.24 21.48 -39.33
C SER B 149 -2.54 22.39 -38.13
N ASP B 150 -3.65 23.12 -38.20
CA ASP B 150 -4.09 23.97 -37.11
C ASP B 150 -5.33 23.43 -36.40
N GLN B 151 -6.34 23.01 -37.17
CA GLN B 151 -7.60 22.53 -36.60
C GLN B 151 -7.37 21.39 -35.62
N ILE B 152 -6.38 20.55 -35.92
CA ILE B 152 -6.07 19.37 -35.14
C ILE B 152 -5.70 19.66 -33.69
N ASP B 153 -4.57 20.32 -33.51
CA ASP B 153 -3.98 20.56 -32.19
C ASP B 153 -5.02 20.65 -31.07
N ASP B 159 -11.50 8.48 -27.63
CA ASP B 159 -10.89 7.43 -28.44
C ASP B 159 -10.93 6.02 -27.81
N GLU B 160 -11.84 5.80 -26.87
CA GLU B 160 -12.20 4.43 -26.53
C GLU B 160 -13.13 4.01 -27.64
N ASP B 161 -13.97 4.95 -28.06
CA ASP B 161 -14.78 4.82 -29.26
C ASP B 161 -13.92 4.31 -30.41
N LEU B 162 -12.78 4.98 -30.62
CA LEU B 162 -11.98 4.85 -31.84
C LEU B 162 -11.65 3.42 -32.25
N TYR B 163 -11.22 2.60 -31.30
CA TYR B 163 -10.73 1.26 -31.62
C TYR B 163 -11.78 0.15 -31.47
N ASP B 164 -13.05 0.53 -31.37
CA ASP B 164 -14.13 -0.44 -31.32
C ASP B 164 -14.12 -1.44 -32.46
N CYS B 165 -13.68 -1.01 -33.64
CA CYS B 165 -13.62 -1.94 -34.76
C CYS B 165 -12.24 -2.60 -34.99
N VAL B 166 -11.34 -2.55 -33.99
CA VAL B 166 -10.03 -3.15 -34.17
C VAL B 166 -9.94 -4.48 -33.47
N GLU B 167 -9.24 -5.40 -34.11
CA GLU B 167 -9.04 -6.69 -33.52
C GLU B 167 -8.21 -6.46 -32.26
N ASN B 168 -8.76 -6.80 -31.10
CA ASN B 168 -7.95 -6.70 -29.89
C ASN B 168 -6.89 -7.80 -29.88
N GLU B 169 -5.81 -7.60 -29.14
CA GLU B 169 -4.62 -8.46 -29.26
C GLU B 169 -4.81 -9.95 -29.00
N GLU B 170 -5.84 -10.33 -28.25
CA GLU B 170 -5.99 -11.72 -27.84
C GLU B 170 -7.05 -12.54 -28.60
N ALA B 171 -7.58 -11.99 -29.69
CA ALA B 171 -8.60 -12.69 -30.45
C ALA B 171 -8.07 -13.91 -31.18
N GLU B 172 -6.88 -13.80 -31.77
CA GLU B 172 -6.29 -14.98 -32.44
C GLU B 172 -6.28 -16.19 -31.52
N GLY B 173 -5.77 -16.01 -30.31
CA GLY B 173 -5.70 -17.09 -29.34
C GLY B 173 -7.07 -17.46 -28.79
N ASP B 174 -7.95 -16.47 -28.64
CA ASP B 174 -9.28 -16.73 -28.13
C ASP B 174 -10.11 -17.67 -29.01
N GLU B 175 -9.82 -17.76 -30.30
CA GLU B 175 -10.61 -18.65 -31.14
C GLU B 175 -10.05 -20.06 -31.12
N ILE B 176 -8.72 -20.17 -31.20
CA ILE B 176 -8.05 -21.44 -30.96
C ILE B 176 -8.59 -22.07 -29.67
N TYR B 177 -8.73 -21.26 -28.63
CA TYR B 177 -9.25 -21.76 -27.35
C TYR B 177 -10.71 -22.20 -27.43
N GLU B 178 -11.57 -21.37 -27.99
CA GLU B 178 -12.98 -21.72 -28.07
C GLU B 178 -13.24 -22.87 -29.04
N ASP B 179 -12.34 -23.07 -30.00
CA ASP B 179 -12.45 -24.21 -30.90
C ASP B 179 -12.14 -25.47 -30.09
N LEU B 180 -10.95 -25.48 -29.52
CA LEU B 180 -10.54 -26.60 -28.68
C LEU B 180 -11.59 -27.02 -27.63
N MET B 181 -12.26 -26.06 -26.99
CA MET B 181 -13.16 -26.38 -25.86
C MET B 181 -14.62 -26.63 -26.25
N ARG B 182 -14.99 -26.27 -27.47
CA ARG B 182 -16.39 -26.33 -27.91
C ARG B 182 -17.03 -27.70 -27.69
N SER B 183 -18.31 -27.69 -27.34
CA SER B 183 -19.07 -28.92 -27.19
C SER B 183 -20.48 -28.80 -27.78
N MET B 192 -33.25 -22.25 -18.54
CA MET B 192 -34.12 -23.21 -17.85
C MET B 192 -34.56 -22.69 -16.48
N THR B 193 -34.51 -23.56 -15.47
CA THR B 193 -34.68 -23.13 -14.08
C THR B 193 -33.32 -22.60 -13.61
N GLU B 194 -33.20 -22.17 -12.35
CA GLU B 194 -31.90 -21.61 -11.92
C GLU B 194 -31.03 -22.57 -11.11
N TYR B 195 -31.39 -23.86 -11.13
CA TYR B 195 -30.52 -24.89 -10.57
C TYR B 195 -29.91 -25.66 -11.72
N ASP B 196 -30.71 -25.90 -12.75
CA ASP B 196 -30.22 -26.52 -13.97
C ASP B 196 -29.23 -25.57 -14.62
N LYS B 197 -29.47 -24.27 -14.43
CA LYS B 197 -28.56 -23.23 -14.88
C LYS B 197 -27.24 -23.33 -14.12
N ARG B 198 -27.32 -23.44 -12.79
CA ARG B 198 -26.11 -23.60 -11.98
C ARG B 198 -25.35 -24.88 -12.30
N CYS B 199 -26.07 -26.00 -12.34
CA CYS B 199 -25.46 -27.30 -12.68
C CYS B 199 -24.85 -27.33 -14.09
N CYS B 200 -25.51 -26.70 -15.05
CA CYS B 200 -24.95 -26.54 -16.40
C CYS B 200 -23.56 -25.88 -16.33
N CYS B 201 -23.42 -24.88 -15.45
CA CYS B 201 -22.15 -24.20 -15.26
C CYS B 201 -21.09 -25.09 -14.63
N LEU B 202 -21.48 -25.81 -13.57
CA LEU B 202 -20.55 -26.75 -12.93
C LEU B 202 -20.00 -27.80 -13.90
N ARG B 203 -20.77 -28.13 -14.94
CA ARG B 203 -20.30 -29.09 -15.93
C ARG B 203 -19.36 -28.42 -16.93
N GLU B 204 -19.56 -27.14 -17.19
CA GLU B 204 -18.65 -26.43 -18.08
C GLU B 204 -17.26 -26.39 -17.42
N ILE B 205 -17.27 -26.18 -16.09
CA ILE B 205 -16.03 -26.03 -15.35
C ILE B 205 -15.24 -27.33 -15.30
N GLN B 206 -15.94 -28.42 -15.05
CA GLN B 206 -15.27 -29.71 -14.99
C GLN B 206 -14.81 -30.21 -16.36
N GLN B 207 -15.64 -29.98 -17.38
CA GLN B 207 -15.33 -30.50 -18.71
C GLN B 207 -14.23 -29.73 -19.40
N THR B 208 -14.31 -28.39 -19.40
CA THR B 208 -13.25 -27.59 -19.99
C THR B 208 -11.93 -27.86 -19.31
N GLU B 209 -11.96 -28.10 -18.00
CA GLU B 209 -10.75 -28.44 -17.27
C GLU B 209 -10.19 -29.82 -17.67
N GLU B 210 -11.04 -30.86 -17.66
CA GLU B 210 -10.63 -32.17 -18.20
C GLU B 210 -9.98 -32.04 -19.57
N LYS B 211 -10.64 -31.30 -20.46
CA LYS B 211 -10.15 -31.06 -21.81
C LYS B 211 -8.88 -30.22 -21.84
N TYR B 212 -8.79 -29.21 -20.97
CA TYR B 212 -7.58 -28.39 -20.91
C TYR B 212 -6.43 -29.26 -20.46
N THR B 213 -6.69 -30.00 -19.37
CA THR B 213 -5.63 -30.78 -18.75
C THR B 213 -5.04 -31.86 -19.67
N ASP B 214 -5.88 -32.56 -20.42
CA ASP B 214 -5.31 -33.55 -21.31
C ASP B 214 -4.78 -32.89 -22.58
N THR B 215 -5.13 -31.64 -22.82
CA THR B 215 -4.50 -30.90 -23.91
C THR B 215 -3.02 -30.64 -23.59
N LEU B 216 -2.73 -30.20 -22.37
CA LEU B 216 -1.35 -30.07 -21.94
C LEU B 216 -0.66 -31.43 -22.08
N GLY B 217 -1.36 -32.48 -21.69
CA GLY B 217 -0.83 -33.82 -21.81
C GLY B 217 -0.50 -34.17 -23.25
N SER B 218 -1.38 -33.79 -24.18
CA SER B 218 -1.16 -34.04 -25.59
C SER B 218 0.08 -33.30 -26.08
N ILE B 219 0.28 -32.09 -25.58
CA ILE B 219 1.48 -31.32 -25.94
C ILE B 219 2.78 -32.00 -25.48
N GLN B 220 2.84 -32.42 -24.21
CA GLN B 220 3.95 -33.26 -23.76
C GLN B 220 4.05 -34.55 -24.62
N GLN B 221 3.18 -35.52 -24.38
CA GLN B 221 3.25 -36.84 -25.00
C GLN B 221 3.54 -36.88 -26.51
N HIS B 222 2.93 -35.97 -27.26
CA HIS B 222 3.04 -36.04 -28.72
C HIS B 222 3.99 -35.02 -29.28
N PHE B 223 4.33 -34.01 -28.47
CA PHE B 223 5.22 -32.96 -28.96
C PHE B 223 6.50 -32.94 -28.14
N LEU B 224 6.44 -32.37 -26.94
CA LEU B 224 7.64 -32.12 -26.15
C LEU B 224 8.52 -33.35 -25.91
N LYS B 225 7.91 -34.53 -25.73
CA LYS B 225 8.70 -35.74 -25.61
C LYS B 225 9.31 -36.15 -26.97
N PRO B 226 8.45 -36.49 -27.95
CA PRO B 226 8.96 -36.83 -29.29
C PRO B 226 10.03 -35.89 -29.82
N LEU B 227 9.91 -34.61 -29.52
CA LEU B 227 10.81 -33.59 -30.06
C LEU B 227 12.13 -33.49 -29.31
N GLN B 228 12.07 -33.65 -27.98
CA GLN B 228 13.25 -33.69 -27.14
C GLN B 228 14.48 -34.21 -27.90
N ARG B 229 14.36 -35.38 -28.49
CA ARG B 229 15.48 -36.05 -29.14
C ARG B 229 16.08 -35.24 -30.29
N PHE B 230 15.21 -34.69 -31.12
CA PHE B 230 15.67 -33.99 -32.32
C PHE B 230 16.39 -32.66 -32.03
N LEU B 231 15.97 -31.99 -30.96
CA LEU B 231 16.45 -30.63 -30.70
C LEU B 231 17.37 -30.52 -29.49
N LYS B 232 18.29 -29.56 -29.55
CA LYS B 232 19.13 -29.23 -28.40
C LYS B 232 18.28 -28.75 -27.22
N PRO B 233 18.62 -29.22 -26.00
CA PRO B 233 18.04 -28.71 -24.75
C PRO B 233 18.36 -27.24 -24.56
N GLN B 234 18.00 -26.44 -25.55
CA GLN B 234 18.22 -24.99 -25.53
C GLN B 234 17.23 -24.47 -26.55
N ASP B 235 16.67 -25.42 -27.30
CA ASP B 235 15.64 -25.11 -28.28
C ASP B 235 14.28 -25.54 -27.72
N ILE B 236 14.29 -26.64 -26.98
CA ILE B 236 13.06 -27.19 -26.42
C ILE B 236 13.00 -26.90 -24.93
N GLU B 237 14.16 -26.84 -24.28
CA GLU B 237 14.18 -26.61 -22.84
C GLU B 237 13.33 -25.38 -22.48
N ILE B 238 13.12 -24.49 -23.45
CA ILE B 238 12.36 -23.27 -23.19
C ILE B 238 10.89 -23.59 -22.86
N ILE B 239 10.28 -24.37 -23.73
CA ILE B 239 8.87 -24.68 -23.63
C ILE B 239 8.52 -25.77 -22.61
N PHE B 240 9.35 -26.82 -22.54
CA PHE B 240 9.11 -28.02 -21.73
C PHE B 240 8.97 -27.80 -20.22
N ILE B 241 9.95 -27.13 -19.60
CA ILE B 241 9.86 -26.85 -18.17
C ILE B 241 8.50 -26.20 -17.87
N ASN B 242 8.09 -25.27 -18.73
CA ASN B 242 6.81 -24.62 -18.56
C ASN B 242 5.60 -25.55 -18.72
N ILE B 243 5.47 -26.12 -19.91
CA ILE B 243 4.34 -27.00 -20.19
C ILE B 243 4.22 -28.12 -19.15
N GLU B 244 5.36 -28.72 -18.80
CA GLU B 244 5.39 -29.87 -17.90
C GLU B 244 4.95 -29.48 -16.49
N ASP B 245 5.43 -28.33 -16.00
CA ASP B 245 4.96 -27.74 -14.73
C ASP B 245 3.47 -27.45 -14.74
N LEU B 246 2.99 -26.96 -15.88
CA LEU B 246 1.57 -26.74 -16.05
C LEU B 246 0.78 -28.04 -16.03
N LEU B 247 1.32 -29.08 -16.66
CA LEU B 247 0.66 -30.37 -16.69
C LEU B 247 0.52 -30.94 -15.29
N ARG B 248 1.59 -30.81 -14.49
CA ARG B 248 1.58 -31.35 -13.14
C ARG B 248 0.59 -30.61 -12.26
N VAL B 249 0.65 -29.29 -12.30
CA VAL B 249 -0.26 -28.49 -11.49
C VAL B 249 -1.70 -28.80 -11.79
N HIS B 250 -2.04 -28.88 -13.07
CA HIS B 250 -3.43 -29.11 -13.43
C HIS B 250 -3.84 -30.55 -13.18
N THR B 251 -2.94 -31.48 -13.47
CA THR B 251 -3.25 -32.88 -13.24
C THR B 251 -3.73 -33.03 -11.79
N HIS B 252 -3.03 -32.37 -10.89
CA HIS B 252 -3.40 -32.33 -9.48
C HIS B 252 -4.65 -31.50 -9.25
N PHE B 253 -4.68 -30.29 -9.79
CA PHE B 253 -5.85 -29.42 -9.73
C PHE B 253 -7.12 -30.20 -10.05
N LEU B 254 -7.11 -30.90 -11.19
CA LEU B 254 -8.28 -31.62 -11.66
C LEU B 254 -8.73 -32.71 -10.66
N LYS B 255 -7.79 -33.39 -10.04
CA LYS B 255 -8.17 -34.39 -9.05
C LYS B 255 -8.98 -33.75 -7.91
N GLU B 256 -8.48 -32.63 -7.41
CA GLU B 256 -9.13 -31.93 -6.32
C GLU B 256 -10.42 -31.22 -6.74
N MET B 257 -10.48 -30.76 -8.00
CA MET B 257 -11.72 -30.19 -8.51
C MET B 257 -12.79 -31.27 -8.54
N LYS B 258 -12.43 -32.43 -9.09
CA LYS B 258 -13.36 -33.54 -9.24
C LYS B 258 -13.96 -33.98 -7.89
N GLU B 259 -13.09 -34.13 -6.89
CA GLU B 259 -13.54 -34.53 -5.55
C GLU B 259 -14.56 -33.57 -4.97
N ALA B 260 -14.20 -32.29 -4.92
CA ALA B 260 -15.08 -31.27 -4.35
C ALA B 260 -16.44 -31.20 -5.07
N LEU B 261 -16.48 -31.65 -6.33
CA LEU B 261 -17.71 -31.66 -7.12
C LEU B 261 -18.58 -32.90 -6.84
N GLY B 262 -17.94 -34.06 -6.74
CA GLY B 262 -18.62 -35.31 -6.46
C GLY B 262 -19.38 -35.29 -5.15
N THR B 263 -18.71 -34.84 -4.09
CA THR B 263 -19.37 -34.67 -2.79
C THR B 263 -20.64 -33.85 -2.94
N PRO B 264 -21.71 -34.27 -2.25
CA PRO B 264 -23.02 -33.61 -2.30
C PRO B 264 -22.92 -32.08 -2.27
N GLY B 265 -23.80 -31.40 -2.99
CA GLY B 265 -23.85 -29.96 -2.97
C GLY B 265 -22.77 -29.26 -3.78
N ALA B 266 -21.50 -29.61 -3.51
CA ALA B 266 -20.36 -29.03 -4.22
C ALA B 266 -19.98 -27.66 -3.67
N ALA B 267 -19.82 -27.57 -2.34
CA ALA B 267 -19.52 -26.31 -1.69
C ALA B 267 -18.06 -26.18 -1.27
N ASN B 268 -17.28 -27.26 -1.43
CA ASN B 268 -15.86 -27.21 -1.12
C ASN B 268 -15.07 -26.64 -2.30
N LEU B 269 -15.77 -26.43 -3.40
CA LEU B 269 -15.15 -26.03 -4.65
C LEU B 269 -14.44 -24.68 -4.58
N TYR B 270 -15.06 -23.70 -3.93
CA TYR B 270 -14.48 -22.37 -3.84
C TYR B 270 -13.09 -22.46 -3.22
N GLN B 271 -12.80 -23.60 -2.58
CA GLN B 271 -11.57 -23.80 -1.83
C GLN B 271 -10.44 -24.32 -2.73
N VAL B 272 -10.79 -25.21 -3.65
CA VAL B 272 -9.81 -25.70 -4.62
C VAL B 272 -9.15 -24.53 -5.40
N PHE B 273 -9.97 -23.60 -5.86
CA PHE B 273 -9.48 -22.44 -6.60
C PHE B 273 -8.48 -21.62 -5.79
N ILE B 274 -8.86 -21.32 -4.56
CA ILE B 274 -8.05 -20.49 -3.69
C ILE B 274 -6.76 -21.23 -3.30
N LYS B 275 -6.90 -22.51 -2.97
CA LYS B 275 -5.76 -23.37 -2.63
C LYS B 275 -4.68 -23.33 -3.73
N TYR B 276 -5.12 -23.33 -4.99
CA TYR B 276 -4.19 -23.41 -6.11
C TYR B 276 -3.74 -22.05 -6.68
N LYS B 277 -4.18 -20.95 -6.09
CA LYS B 277 -3.83 -19.68 -6.69
C LYS B 277 -2.32 -19.46 -6.85
N GLU B 278 -1.56 -19.60 -5.76
CA GLU B 278 -0.15 -19.28 -5.83
C GLU B 278 0.60 -20.24 -6.76
N ARG B 279 0.18 -21.50 -6.76
CA ARG B 279 0.70 -22.46 -7.73
C ARG B 279 0.48 -21.95 -9.18
N PHE B 280 -0.65 -21.28 -9.42
CA PHE B 280 -1.00 -20.80 -10.77
C PHE B 280 -0.21 -19.57 -11.20
N LEU B 281 0.59 -19.01 -10.30
CA LEU B 281 1.40 -17.86 -10.66
C LEU B 281 2.51 -18.22 -11.68
N VAL B 282 2.77 -19.52 -11.88
CA VAL B 282 3.67 -19.94 -12.93
C VAL B 282 3.15 -19.45 -14.30
N TYR B 283 1.86 -19.13 -14.39
CA TYR B 283 1.34 -18.61 -15.66
C TYR B 283 2.01 -17.30 -16.05
N GLY B 284 2.54 -16.59 -15.05
CA GLY B 284 3.27 -15.34 -15.30
C GLY B 284 4.58 -15.65 -16.03
N ARG B 285 5.38 -16.56 -15.49
CA ARG B 285 6.58 -17.02 -16.16
C ARG B 285 6.22 -17.48 -17.58
N TYR B 286 5.20 -18.33 -17.67
CA TYR B 286 4.78 -18.87 -18.95
C TYR B 286 4.42 -17.77 -19.89
N CYS B 287 3.46 -16.93 -19.51
CA CYS B 287 2.88 -15.97 -20.44
C CYS B 287 3.87 -14.83 -20.68
N SER B 288 5.14 -15.13 -20.40
CA SER B 288 6.27 -14.19 -20.42
C SER B 288 7.41 -14.71 -21.26
N GLN B 289 7.65 -16.02 -21.18
CA GLN B 289 8.62 -16.70 -22.01
C GLN B 289 8.01 -17.32 -23.27
N VAL B 290 6.73 -17.64 -23.23
CA VAL B 290 6.06 -18.31 -24.35
C VAL B 290 6.32 -17.64 -25.70
N GLU B 291 5.93 -16.37 -25.81
CA GLU B 291 6.02 -15.63 -27.07
C GLU B 291 7.43 -15.60 -27.66
N SER B 292 8.44 -15.97 -26.89
CA SER B 292 9.82 -15.93 -27.38
C SER B 292 10.36 -17.31 -27.77
N ALA B 293 10.05 -18.33 -26.98
CA ALA B 293 10.39 -19.69 -27.35
C ALA B 293 9.61 -20.07 -28.60
N SER B 294 8.44 -19.45 -28.76
CA SER B 294 7.57 -19.73 -29.91
C SER B 294 8.01 -19.01 -31.18
N LYS B 295 8.65 -17.86 -31.04
CA LYS B 295 9.21 -17.19 -32.20
C LYS B 295 10.51 -17.89 -32.56
N HIS B 296 11.15 -18.45 -31.54
CA HIS B 296 12.39 -19.23 -31.71
C HIS B 296 12.10 -20.55 -32.43
N LEU B 297 11.05 -21.23 -32.00
CA LEU B 297 10.52 -22.38 -32.72
C LEU B 297 10.32 -22.06 -34.20
N ASP B 298 9.70 -20.91 -34.49
CA ASP B 298 9.43 -20.51 -35.86
C ASP B 298 10.70 -20.20 -36.66
N ARG B 299 11.80 -19.90 -35.98
CA ARG B 299 13.06 -19.62 -36.66
C ARG B 299 13.76 -20.91 -37.04
N VAL B 300 13.61 -21.91 -36.18
CA VAL B 300 14.14 -23.23 -36.45
C VAL B 300 13.24 -23.93 -37.49
N ALA B 301 12.23 -23.19 -37.97
CA ALA B 301 11.37 -23.69 -39.03
C ALA B 301 12.09 -23.54 -40.36
N ALA B 302 12.33 -22.29 -40.77
CA ALA B 302 13.04 -22.05 -42.01
C ALA B 302 14.39 -22.76 -41.97
N ALA B 303 15.07 -22.65 -40.83
CA ALA B 303 16.45 -23.10 -40.70
C ALA B 303 16.62 -24.62 -40.69
N ARG B 304 15.55 -25.36 -40.95
CA ARG B 304 15.64 -26.82 -41.04
C ARG B 304 14.49 -27.43 -41.84
N GLU B 305 14.80 -28.50 -42.55
CA GLU B 305 13.76 -29.26 -43.23
C GLU B 305 13.30 -30.37 -42.30
N ASP B 306 14.27 -31.06 -41.70
CA ASP B 306 13.99 -32.15 -40.77
C ASP B 306 13.09 -31.73 -39.61
N VAL B 307 12.89 -30.42 -39.47
CA VAL B 307 12.06 -29.86 -38.42
C VAL B 307 10.68 -29.48 -38.97
N GLN B 308 10.65 -28.50 -39.86
CA GLN B 308 9.42 -28.08 -40.55
C GLN B 308 8.53 -29.27 -40.92
N MET B 309 9.17 -30.37 -41.33
CA MET B 309 8.48 -31.57 -41.78
C MET B 309 7.88 -32.38 -40.62
N LYS B 310 8.47 -32.24 -39.43
CA LYS B 310 8.05 -33.05 -38.29
C LYS B 310 6.96 -32.41 -37.44
N LEU B 311 6.91 -31.08 -37.43
CA LEU B 311 5.87 -30.40 -36.70
C LEU B 311 4.60 -30.36 -37.53
N GLU B 312 4.58 -31.18 -38.58
CA GLU B 312 3.37 -31.44 -39.32
C GLU B 312 2.96 -32.85 -38.97
N GLU B 313 3.95 -33.67 -38.60
CA GLU B 313 3.71 -35.02 -38.13
C GLU B 313 3.11 -34.99 -36.75
N CYS B 314 3.91 -34.54 -35.79
CA CYS B 314 3.44 -34.33 -34.43
C CYS B 314 2.03 -33.74 -34.43
N SER B 315 1.80 -32.75 -35.30
CA SER B 315 0.46 -32.17 -35.51
C SER B 315 -0.51 -33.24 -36.01
N GLN B 316 -0.27 -33.72 -37.23
CA GLN B 316 -1.11 -34.72 -37.85
C GLN B 316 -1.38 -35.90 -36.92
N ARG B 317 -0.34 -36.37 -36.24
CA ARG B 317 -0.49 -37.45 -35.28
C ARG B 317 -1.36 -37.06 -34.09
N ALA B 318 -0.91 -36.07 -33.31
CA ALA B 318 -1.61 -35.66 -32.08
C ALA B 318 -3.11 -35.41 -32.23
N ASN B 319 -3.49 -34.51 -33.13
CA ASN B 319 -4.90 -34.13 -33.29
C ASN B 319 -5.41 -34.19 -34.71
N ASN B 320 -4.62 -34.82 -35.58
CA ASN B 320 -4.97 -34.96 -37.00
C ASN B 320 -5.02 -33.62 -37.75
N GLY B 321 -4.09 -32.72 -37.42
CA GLY B 321 -3.86 -31.50 -38.16
C GLY B 321 -4.83 -30.34 -37.93
N ARG B 322 -5.67 -30.45 -36.90
CA ARG B 322 -6.58 -29.36 -36.59
C ARG B 322 -5.84 -28.25 -35.86
N PHE B 323 -4.71 -28.58 -35.26
CA PHE B 323 -3.96 -27.65 -34.40
C PHE B 323 -2.43 -27.82 -34.51
N THR B 324 -1.73 -26.76 -34.89
CA THR B 324 -0.26 -26.79 -34.91
C THR B 324 0.25 -26.59 -33.48
N LEU B 325 1.51 -26.92 -33.23
CA LEU B 325 2.09 -26.65 -31.90
C LEU B 325 2.02 -25.17 -31.49
N ARG B 326 2.19 -24.25 -32.44
CA ARG B 326 1.99 -22.83 -32.15
C ARG B 326 0.61 -22.65 -31.60
N ASP B 327 -0.38 -23.04 -32.38
CA ASP B 327 -1.77 -22.97 -31.94
C ASP B 327 -1.92 -23.38 -30.46
N LEU B 328 -1.31 -24.50 -30.07
CA LEU B 328 -1.49 -25.03 -28.73
C LEU B 328 -0.75 -24.24 -27.65
N LEU B 329 0.41 -23.69 -27.98
CA LEU B 329 1.16 -22.87 -27.02
C LEU B 329 0.37 -21.64 -26.59
N MET B 330 -0.50 -21.13 -27.47
CA MET B 330 -1.33 -19.97 -27.15
C MET B 330 -2.47 -20.33 -26.20
N VAL B 331 -2.73 -21.61 -26.01
CA VAL B 331 -3.88 -22.07 -25.22
C VAL B 331 -3.76 -21.82 -23.72
N PRO B 332 -2.61 -22.13 -23.08
CA PRO B 332 -2.45 -21.74 -21.67
C PRO B 332 -2.73 -20.26 -21.38
N MET B 333 -2.21 -19.34 -22.19
CA MET B 333 -2.44 -17.92 -21.96
C MET B 333 -3.94 -17.66 -21.85
N GLN B 334 -4.72 -18.35 -22.67
CA GLN B 334 -6.16 -18.14 -22.72
C GLN B 334 -6.86 -18.83 -21.55
N ARG B 335 -6.38 -20.01 -21.21
CA ARG B 335 -7.09 -20.79 -20.21
C ARG B 335 -7.06 -20.05 -18.88
N VAL B 336 -5.88 -19.57 -18.48
CA VAL B 336 -5.77 -18.93 -17.17
C VAL B 336 -6.66 -17.70 -17.02
N LEU B 337 -6.85 -16.98 -18.13
CA LEU B 337 -7.76 -15.84 -18.16
C LEU B 337 -9.27 -16.20 -18.05
N LYS B 338 -9.61 -17.47 -18.19
CA LYS B 338 -11.03 -17.88 -18.23
C LYS B 338 -11.65 -18.23 -16.85
N TYR B 339 -10.81 -18.60 -15.88
CA TYR B 339 -11.36 -18.97 -14.57
C TYR B 339 -12.27 -17.91 -13.94
N HIS B 340 -11.80 -16.69 -13.74
CA HIS B 340 -12.70 -15.68 -13.21
C HIS B 340 -14.02 -15.61 -14.01
N LEU B 341 -13.97 -15.76 -15.34
CA LEU B 341 -15.20 -15.70 -16.15
C LEU B 341 -16.18 -16.84 -15.85
N LEU B 342 -15.64 -18.04 -15.65
CA LEU B 342 -16.47 -19.19 -15.32
C LEU B 342 -17.09 -19.04 -13.94
N LEU B 343 -16.30 -18.58 -12.98
CA LEU B 343 -16.82 -18.38 -11.64
C LEU B 343 -17.79 -17.18 -11.61
N GLN B 344 -17.54 -16.17 -12.43
CA GLN B 344 -18.43 -15.02 -12.47
C GLN B 344 -19.84 -15.50 -12.79
N GLU B 345 -19.94 -16.46 -13.72
CA GLU B 345 -21.25 -16.98 -14.14
C GLU B 345 -21.81 -18.03 -13.17
N LEU B 346 -20.94 -18.78 -12.51
CA LEU B 346 -21.42 -19.74 -11.50
C LEU B 346 -22.01 -18.97 -10.34
N VAL B 347 -21.50 -17.76 -10.14
CA VAL B 347 -21.92 -16.89 -9.04
C VAL B 347 -23.29 -16.24 -9.31
N LYS B 348 -23.59 -15.98 -10.60
CA LYS B 348 -24.87 -15.40 -10.99
C LYS B 348 -26.05 -16.34 -10.68
N HIS B 349 -25.74 -17.63 -10.60
CA HIS B 349 -26.78 -18.65 -10.47
C HIS B 349 -26.72 -19.42 -9.16
N THR B 350 -25.84 -18.98 -8.26
CA THR B 350 -25.82 -19.51 -6.91
C THR B 350 -26.56 -18.53 -6.02
N GLN B 351 -27.79 -18.89 -5.65
CA GLN B 351 -28.66 -17.98 -4.93
C GLN B 351 -28.42 -17.97 -3.42
N GLU B 352 -28.00 -19.11 -2.87
CA GLU B 352 -27.74 -19.22 -1.44
C GLU B 352 -26.75 -18.15 -0.96
N ALA B 353 -27.04 -17.56 0.20
CA ALA B 353 -26.24 -16.45 0.71
C ALA B 353 -24.81 -16.85 1.07
N MET B 354 -24.65 -17.95 1.80
CA MET B 354 -23.31 -18.40 2.21
C MET B 354 -22.51 -18.93 1.02
N GLU B 355 -23.20 -19.56 0.08
CA GLU B 355 -22.55 -19.96 -1.15
C GLU B 355 -21.87 -18.75 -1.80
N LYS B 356 -22.69 -17.82 -2.28
CA LYS B 356 -22.23 -16.65 -3.02
C LYS B 356 -20.94 -16.03 -2.50
N GLU B 357 -20.95 -15.61 -1.23
CA GLU B 357 -19.81 -14.86 -0.68
C GLU B 357 -18.51 -15.66 -0.64
N ASN B 358 -18.61 -16.97 -0.78
CA ASN B 358 -17.44 -17.84 -0.88
C ASN B 358 -16.91 -17.93 -2.32
N LEU B 359 -17.80 -18.22 -3.25
CA LEU B 359 -17.42 -18.26 -4.64
C LEU B 359 -16.86 -16.90 -5.07
N ARG B 360 -17.33 -15.83 -4.43
CA ARG B 360 -16.82 -14.50 -4.71
C ARG B 360 -15.41 -14.31 -4.14
N LEU B 361 -15.03 -15.16 -3.18
CA LEU B 361 -13.63 -15.21 -2.73
C LEU B 361 -12.70 -15.86 -3.75
N ALA B 362 -13.09 -17.02 -4.28
CA ALA B 362 -12.31 -17.67 -5.33
C ALA B 362 -12.30 -16.80 -6.60
N LEU B 363 -13.46 -16.23 -6.92
CA LEU B 363 -13.58 -15.28 -8.03
C LEU B 363 -12.62 -14.08 -7.84
N ASP B 364 -12.50 -13.61 -6.60
CA ASP B 364 -11.54 -12.55 -6.28
C ASP B 364 -10.11 -13.02 -6.56
N ALA B 365 -9.85 -14.30 -6.32
CA ALA B 365 -8.51 -14.86 -6.50
C ALA B 365 -8.16 -15.10 -7.97
N MET B 366 -9.14 -15.51 -8.76
CA MET B 366 -8.88 -15.86 -10.14
C MET B 366 -8.88 -14.59 -10.98
N ARG B 367 -9.58 -13.56 -10.49
CA ARG B 367 -9.50 -12.25 -11.14
C ARG B 367 -8.14 -11.59 -10.91
N ASP B 368 -7.61 -11.73 -9.69
CA ASP B 368 -6.27 -11.21 -9.39
C ASP B 368 -5.24 -11.96 -10.22
N LEU B 369 -5.43 -13.27 -10.32
CA LEU B 369 -4.59 -14.09 -11.19
C LEU B 369 -4.58 -13.46 -12.56
N ALA B 370 -5.77 -13.31 -13.15
CA ALA B 370 -5.84 -12.75 -14.50
C ALA B 370 -5.28 -11.33 -14.58
N GLN B 371 -5.48 -10.51 -13.55
CA GLN B 371 -4.86 -9.19 -13.59
C GLN B 371 -3.33 -9.27 -13.61
N CYS B 372 -2.74 -10.20 -12.85
CA CYS B 372 -1.29 -10.39 -12.89
C CYS B 372 -0.81 -10.75 -14.30
N VAL B 373 -1.45 -11.76 -14.89
CA VAL B 373 -1.11 -12.16 -16.25
C VAL B 373 -1.24 -11.00 -17.23
N ASN B 374 -2.33 -10.24 -17.15
CA ASN B 374 -2.43 -9.04 -17.99
C ASN B 374 -1.27 -8.06 -17.75
N GLU B 375 -0.83 -7.90 -16.49
CA GLU B 375 0.37 -7.10 -16.25
C GLU B 375 1.59 -7.63 -16.98
N VAL B 376 1.79 -8.96 -16.93
CA VAL B 376 2.84 -9.58 -17.72
C VAL B 376 2.67 -9.30 -19.22
N LYS B 377 1.46 -9.38 -19.72
CA LYS B 377 1.25 -9.08 -21.15
C LYS B 377 1.63 -7.64 -21.52
N ARG B 378 1.19 -6.69 -20.71
CA ARG B 378 1.59 -5.29 -20.95
C ARG B 378 3.10 -5.04 -20.94
N ASP B 379 3.79 -5.57 -19.92
CA ASP B 379 5.23 -5.36 -19.80
C ASP B 379 5.95 -6.06 -20.95
N ASN B 380 5.47 -7.25 -21.33
CA ASN B 380 5.92 -7.88 -22.57
C ASN B 380 5.93 -6.88 -23.75
N GLU B 381 4.80 -6.19 -23.95
CA GLU B 381 4.68 -5.23 -25.03
C GLU B 381 5.58 -4.02 -24.84
N THR B 382 5.53 -3.41 -23.68
CA THR B 382 6.44 -2.30 -23.40
C THR B 382 7.86 -2.67 -23.84
N LEU B 383 8.30 -3.88 -23.49
CA LEU B 383 9.65 -4.33 -23.78
C LEU B 383 9.90 -4.43 -25.28
N ARG B 384 8.85 -4.71 -26.04
CA ARG B 384 9.00 -4.75 -27.50
C ARG B 384 9.21 -3.36 -28.05
N GLN B 385 8.42 -2.41 -27.57
CA GLN B 385 8.57 -1.02 -27.97
C GLN B 385 9.96 -0.53 -27.66
N ILE B 386 10.47 -0.90 -26.49
CA ILE B 386 11.77 -0.43 -26.04
C ILE B 386 12.85 -0.99 -26.95
N THR B 387 12.73 -2.27 -27.25
CA THR B 387 13.65 -2.91 -28.17
C THR B 387 13.59 -2.17 -29.52
N ASN B 388 12.40 -1.74 -29.88
CA ASN B 388 12.16 -1.06 -31.15
C ASN B 388 12.90 0.28 -31.19
N PHE B 389 12.79 1.05 -30.11
CA PHE B 389 13.49 2.32 -29.99
C PHE B 389 14.99 2.12 -29.98
N GLN B 390 15.44 1.08 -29.29
CA GLN B 390 16.86 0.80 -29.18
C GLN B 390 17.51 0.48 -30.53
N LEU B 391 16.78 -0.22 -31.39
CA LEU B 391 17.25 -0.56 -32.73
C LEU B 391 17.24 0.63 -33.69
N SER B 392 16.54 1.69 -33.32
CA SER B 392 16.47 2.86 -34.18
C SER B 392 17.25 4.05 -33.58
N ILE B 393 17.89 3.83 -32.44
CA ILE B 393 18.68 4.90 -31.81
C ILE B 393 20.18 4.62 -31.89
N GLU B 394 20.87 5.42 -32.69
CA GLU B 394 22.31 5.27 -32.90
C GLU B 394 23.06 6.08 -31.88
N ASN B 395 24.27 5.63 -31.54
CA ASN B 395 25.08 6.29 -30.53
C ASN B 395 24.45 6.18 -29.14
N LEU B 396 23.82 5.05 -28.87
CA LEU B 396 23.25 4.78 -27.55
C LEU B 396 23.91 3.53 -27.01
N ASP B 397 24.70 3.70 -25.95
CA ASP B 397 25.57 2.64 -25.45
C ASP B 397 25.02 1.90 -24.23
N GLN B 398 23.84 2.28 -23.76
CA GLN B 398 23.25 1.59 -22.63
C GLN B 398 21.91 1.00 -23.03
N SER B 399 21.46 -0.02 -22.31
CA SER B 399 20.15 -0.64 -22.58
C SER B 399 19.03 0.25 -22.04
N LEU B 400 18.05 0.57 -22.90
CA LEU B 400 16.96 1.46 -22.53
C LEU B 400 16.12 0.92 -21.35
N ALA B 401 16.00 -0.40 -21.27
CA ALA B 401 15.24 -1.04 -20.22
C ALA B 401 15.63 -0.53 -18.82
N HIS B 402 16.92 -0.34 -18.58
CA HIS B 402 17.36 0.20 -17.30
C HIS B 402 16.73 1.54 -16.91
N TYR B 403 16.17 2.26 -17.87
CA TYR B 403 15.65 3.58 -17.54
C TYR B 403 14.12 3.63 -17.42
N GLY B 404 13.50 2.48 -17.14
CA GLY B 404 12.08 2.42 -16.82
C GLY B 404 11.25 2.36 -18.07
N ARG B 405 9.99 2.74 -17.99
CA ARG B 405 9.16 2.58 -19.17
C ARG B 405 8.85 3.87 -19.93
N PRO B 406 8.69 3.73 -21.25
CA PRO B 406 8.40 4.87 -22.12
C PRO B 406 7.18 5.65 -21.65
N LYS B 407 7.28 6.97 -21.63
CA LYS B 407 6.13 7.79 -21.22
C LYS B 407 5.51 8.50 -22.43
N ILE B 408 6.35 9.09 -23.26
CA ILE B 408 5.91 9.80 -24.44
C ILE B 408 7.10 10.12 -25.32
N ASP B 409 6.92 10.08 -26.64
CA ASP B 409 8.00 10.53 -27.52
C ASP B 409 7.47 11.32 -28.69
N GLY B 410 8.22 12.34 -29.12
CA GLY B 410 7.78 13.24 -30.16
C GLY B 410 8.72 14.39 -30.46
N GLU B 411 8.25 15.34 -31.27
CA GLU B 411 9.08 16.44 -31.73
C GLU B 411 8.88 17.68 -30.87
N LEU B 412 9.98 18.27 -30.40
CA LEU B 412 9.90 19.54 -29.66
C LEU B 412 11.05 20.48 -30.08
N LYS B 413 11.18 21.60 -29.39
CA LYS B 413 12.33 22.50 -29.58
C LYS B 413 12.97 22.80 -28.25
N ILE B 414 14.29 22.62 -28.18
CA ILE B 414 15.06 22.94 -26.98
C ILE B 414 16.07 24.06 -27.18
N THR B 415 16.36 24.75 -26.09
CA THR B 415 17.60 25.50 -25.96
C THR B 415 18.15 25.11 -24.61
N SER B 416 19.47 25.06 -24.50
CA SER B 416 20.12 24.78 -23.23
C SER B 416 20.79 26.05 -22.69
N VAL B 417 21.89 25.89 -21.96
CA VAL B 417 22.64 27.04 -21.49
C VAL B 417 23.87 27.26 -22.35
N GLU B 418 23.81 26.78 -23.59
CA GLU B 418 24.92 26.89 -24.52
C GLU B 418 24.40 27.23 -25.91
N ARG B 419 23.08 27.26 -26.04
CA ARG B 419 22.42 27.63 -27.28
C ARG B 419 21.22 28.53 -27.01
N MET B 423 16.62 25.09 -31.23
CA MET B 423 17.03 23.79 -31.78
C MET B 423 15.88 22.77 -31.89
N ASP B 424 15.53 22.38 -33.12
CA ASP B 424 14.55 21.33 -33.30
C ASP B 424 15.16 19.99 -32.95
N ARG B 425 14.50 19.22 -32.09
CA ARG B 425 15.01 17.91 -31.70
C ARG B 425 13.87 16.91 -31.52
N TYR B 426 14.24 15.62 -31.52
CA TYR B 426 13.29 14.55 -31.19
C TYR B 426 13.57 14.02 -29.78
N ALA B 427 12.54 13.79 -28.98
CA ALA B 427 12.76 13.32 -27.62
C ALA B 427 12.00 12.06 -27.25
N PHE B 428 12.70 11.13 -26.61
CA PHE B 428 12.09 9.99 -25.95
C PHE B 428 12.16 10.22 -24.44
N LEU B 429 11.02 10.31 -23.77
CA LEU B 429 10.96 10.38 -22.32
C LEU B 429 10.68 9.00 -21.72
N LEU B 430 11.50 8.60 -20.76
CA LEU B 430 11.25 7.39 -19.98
C LEU B 430 11.26 7.78 -18.50
N ASP B 431 10.74 6.92 -17.64
CA ASP B 431 10.67 7.21 -16.23
C ASP B 431 11.96 7.89 -15.72
N LYS B 432 13.10 7.39 -16.17
CA LYS B 432 14.37 7.75 -15.58
C LYS B 432 15.28 8.57 -16.49
N ALA B 433 14.80 8.96 -17.67
CA ALA B 433 15.70 9.59 -18.64
C ALA B 433 15.02 10.29 -19.80
N LEU B 434 15.56 11.43 -20.19
CA LEU B 434 15.16 12.06 -21.44
C LEU B 434 16.23 11.89 -22.51
N LEU B 435 15.86 11.24 -23.60
CA LEU B 435 16.79 11.12 -24.72
C LEU B 435 16.53 12.23 -25.76
N ILE B 436 17.37 13.25 -25.77
CA ILE B 436 17.32 14.28 -26.81
C ILE B 436 18.05 13.80 -28.06
N CYS B 437 17.42 13.95 -29.22
CA CYS B 437 17.94 13.35 -30.45
C CYS B 437 17.73 14.21 -31.67
N LYS B 438 18.47 13.91 -32.73
CA LYS B 438 18.27 14.57 -34.00
C LYS B 438 17.85 13.50 -34.95
N ARG B 439 16.63 13.60 -35.47
CA ARG B 439 16.08 12.57 -36.36
C ARG B 439 16.66 12.65 -37.78
N ARG B 440 17.13 11.51 -38.27
CA ARG B 440 17.66 11.43 -39.63
C ARG B 440 16.87 10.35 -40.39
N GLY B 441 15.68 10.74 -40.86
CA GLY B 441 14.82 9.81 -41.56
C GLY B 441 14.18 8.84 -40.59
N ASP B 442 14.59 7.59 -40.68
CA ASP B 442 14.04 6.53 -39.84
C ASP B 442 14.97 6.21 -38.68
N SER B 443 16.15 6.84 -38.67
CA SER B 443 17.09 6.66 -37.56
C SER B 443 17.23 7.93 -36.70
N TYR B 444 17.53 7.75 -35.42
CA TYR B 444 17.61 8.84 -34.47
C TYR B 444 19.00 8.86 -33.84
N ASP B 445 19.71 9.97 -33.99
CA ASP B 445 21.04 10.09 -33.40
C ASP B 445 20.91 10.74 -32.04
N LEU B 446 21.42 10.05 -31.02
CA LEU B 446 21.34 10.51 -29.63
C LEU B 446 22.32 11.65 -29.33
N LYS B 447 21.83 12.88 -29.35
CA LYS B 447 22.69 14.05 -29.14
C LYS B 447 22.88 14.40 -27.66
N ASP B 448 21.97 13.99 -26.80
CA ASP B 448 22.07 14.36 -25.39
C ASP B 448 21.19 13.58 -24.43
N PHE B 449 21.75 12.54 -23.83
CA PHE B 449 21.06 11.74 -22.82
C PHE B 449 20.98 12.55 -21.54
N VAL B 450 19.80 12.58 -20.93
CA VAL B 450 19.59 13.38 -19.73
C VAL B 450 19.11 12.51 -18.59
N ASN B 451 19.98 12.28 -17.62
CA ASN B 451 19.65 11.46 -16.48
C ASN B 451 18.75 12.22 -15.51
N LEU B 452 17.47 11.90 -15.54
CA LEU B 452 16.45 12.69 -14.82
C LEU B 452 16.48 12.60 -13.30
N HIS B 453 17.39 11.81 -12.74
CA HIS B 453 17.57 11.79 -11.29
C HIS B 453 17.83 13.19 -10.74
N SER B 454 18.46 14.03 -11.55
CA SER B 454 18.95 15.33 -11.10
C SER B 454 18.06 16.52 -11.47
N PHE B 455 16.99 16.28 -12.22
CA PHE B 455 16.17 17.38 -12.75
C PHE B 455 14.78 17.50 -12.14
N GLN B 456 14.18 18.68 -12.32
CA GLN B 456 12.87 19.01 -11.78
C GLN B 456 12.14 19.94 -12.75
N VAL B 457 10.81 19.90 -12.74
CA VAL B 457 10.01 20.71 -13.65
C VAL B 457 9.59 22.04 -13.02
N ARG B 458 9.72 23.11 -13.79
CA ARG B 458 9.33 24.43 -13.34
C ARG B 458 8.59 25.13 -14.46
N ASP B 459 7.30 25.42 -14.25
CA ASP B 459 6.48 26.01 -15.32
C ASP B 459 6.84 27.48 -15.54
N ASP B 460 6.38 28.02 -16.66
CA ASP B 460 6.49 29.45 -16.94
C ASP B 460 5.82 29.79 -18.26
N SER B 461 4.52 30.00 -18.21
CA SER B 461 3.74 30.30 -19.40
C SER B 461 3.79 31.79 -19.76
N SER B 462 4.99 32.37 -19.76
CA SER B 462 5.15 33.76 -20.17
C SER B 462 4.86 33.91 -21.66
N GLY B 463 4.81 32.79 -22.36
CA GLY B 463 4.39 32.76 -23.75
C GLY B 463 3.03 32.10 -23.93
N ASP B 464 2.50 31.52 -22.86
CA ASP B 464 1.28 30.74 -22.94
C ASP B 464 0.05 31.48 -22.41
N ARG B 465 0.16 32.80 -22.29
CA ARG B 465 -1.00 33.62 -22.01
C ARG B 465 -1.70 34.00 -23.31
N ASP B 466 -0.90 34.46 -24.27
CA ASP B 466 -1.35 34.57 -25.66
C ASP B 466 -0.84 33.34 -26.41
N ASN B 467 -1.77 32.60 -27.02
CA ASN B 467 -1.42 31.36 -27.72
C ASN B 467 -0.66 31.58 -29.02
N LYS B 468 0.65 31.77 -28.92
CA LYS B 468 1.49 31.79 -30.11
C LYS B 468 2.12 30.42 -30.39
N LYS B 469 1.86 29.89 -31.57
CA LYS B 469 2.35 28.58 -31.95
C LYS B 469 3.86 28.42 -31.71
N TRP B 470 4.24 27.51 -30.81
CA TRP B 470 5.63 27.23 -30.40
C TRP B 470 6.21 28.04 -29.21
N SER B 471 5.34 28.70 -28.45
CA SER B 471 5.79 29.54 -27.34
C SER B 471 5.52 28.89 -25.98
N HIS B 472 4.80 27.77 -26.01
CA HIS B 472 4.44 27.08 -24.78
C HIS B 472 5.63 26.28 -24.22
N MET B 473 6.31 26.84 -23.23
CA MET B 473 7.49 26.18 -22.66
C MET B 473 7.39 25.98 -21.14
N PHE B 474 8.11 24.97 -20.67
CA PHE B 474 8.37 24.82 -19.25
C PHE B 474 9.84 24.46 -19.09
N LEU B 475 10.36 24.65 -17.89
CA LEU B 475 11.79 24.53 -17.67
C LEU B 475 12.14 23.21 -17.01
N LEU B 476 13.25 22.63 -17.46
CA LEU B 476 13.79 21.42 -16.88
C LEU B 476 15.15 21.76 -16.25
N ILE B 477 15.19 21.88 -14.92
CA ILE B 477 16.37 22.38 -14.21
C ILE B 477 16.89 21.41 -13.14
N GLU B 478 18.21 21.30 -13.02
CA GLU B 478 18.81 20.54 -11.93
C GLU B 478 19.05 21.48 -10.76
N ASP B 479 18.69 21.05 -9.56
CA ASP B 479 18.82 21.97 -8.42
C ASP B 479 20.17 21.87 -7.74
N GLN B 480 21.18 21.51 -8.52
CA GLN B 480 22.57 21.71 -8.11
C GLN B 480 23.43 21.83 -9.35
N GLY B 481 22.95 22.63 -10.31
CA GLY B 481 23.64 22.77 -11.57
C GLY B 481 23.39 24.07 -12.29
N ALA B 482 24.32 24.40 -13.17
CA ALA B 482 24.18 25.51 -14.08
C ALA B 482 23.66 25.00 -15.41
N GLN B 483 23.07 23.81 -15.39
CA GLN B 483 22.42 23.26 -16.59
C GLN B 483 20.90 23.21 -16.43
N GLY B 484 20.20 23.60 -17.48
CA GLY B 484 18.76 23.68 -17.47
C GLY B 484 18.27 23.95 -18.87
N TYR B 485 17.48 23.03 -19.40
CA TYR B 485 16.92 23.16 -20.72
C TYR B 485 15.56 23.83 -20.63
N GLU B 486 15.21 24.65 -21.61
CA GLU B 486 13.81 25.01 -21.78
C GLU B 486 13.20 24.28 -22.96
N LEU B 487 11.99 23.77 -22.77
CA LEU B 487 11.35 22.91 -23.76
C LEU B 487 10.14 23.61 -24.35
N PHE B 488 10.11 23.75 -25.66
CA PHE B 488 9.01 24.48 -26.31
C PHE B 488 8.11 23.54 -27.10
N PHE B 489 6.81 23.75 -26.99
CA PHE B 489 5.85 22.85 -27.62
C PHE B 489 4.91 23.56 -28.57
N LYS B 490 4.58 22.88 -29.67
CA LYS B 490 3.82 23.49 -30.74
C LYS B 490 2.54 24.12 -30.18
N THR B 491 1.91 23.44 -29.24
CA THR B 491 0.62 23.92 -28.74
C THR B 491 0.53 23.85 -27.24
N ARG B 492 -0.41 24.59 -26.69
CA ARG B 492 -0.69 24.57 -25.26
C ARG B 492 -0.95 23.12 -24.79
N GLU B 493 -1.73 22.38 -25.57
CA GLU B 493 -2.13 21.03 -25.19
C GLU B 493 -0.95 20.05 -25.23
N LEU B 494 -0.08 20.18 -26.24
CA LEU B 494 1.13 19.39 -26.29
C LEU B 494 1.97 19.61 -25.03
N LYS B 495 2.26 20.88 -24.72
CA LYS B 495 3.01 21.23 -23.51
C LYS B 495 2.40 20.60 -22.26
N LYS B 496 1.07 20.69 -22.13
CA LYS B 496 0.40 20.11 -20.97
C LYS B 496 0.62 18.61 -20.90
N LYS B 497 0.68 17.96 -22.05
CA LYS B 497 0.70 16.51 -22.13
C LYS B 497 2.10 15.98 -21.82
N TRP B 498 3.11 16.73 -22.25
CA TRP B 498 4.48 16.46 -21.85
C TRP B 498 4.79 16.80 -20.39
N MET B 499 4.41 17.99 -19.92
CA MET B 499 4.67 18.37 -18.54
C MET B 499 4.04 17.33 -17.61
N GLU B 500 2.85 16.87 -17.96
CA GLU B 500 2.19 15.81 -17.19
C GLU B 500 3.01 14.51 -17.14
N GLN B 501 3.57 14.11 -18.28
CA GLN B 501 4.47 12.96 -18.30
C GLN B 501 5.78 13.19 -17.52
N PHE B 502 6.30 14.39 -17.54
CA PHE B 502 7.52 14.68 -16.80
C PHE B 502 7.25 14.55 -15.31
N GLU B 503 6.07 14.96 -14.88
CA GLU B 503 5.73 14.85 -13.47
C GLU B 503 5.58 13.38 -13.04
N MET B 504 4.91 12.57 -13.87
CA MET B 504 4.73 11.16 -13.51
C MET B 504 6.08 10.43 -13.46
N ALA B 505 6.98 10.78 -14.38
CA ALA B 505 8.35 10.23 -14.42
C ALA B 505 9.10 10.54 -13.13
N ILE B 506 9.14 11.82 -12.81
CA ILE B 506 9.83 12.28 -11.61
C ILE B 506 9.18 11.76 -10.31
N SER B 507 7.85 11.68 -10.27
CA SER B 507 7.16 11.07 -9.14
C SER B 507 7.50 9.59 -8.99
N ASN B 508 7.71 8.90 -10.11
CA ASN B 508 8.11 7.51 -10.07
C ASN B 508 9.52 7.34 -9.52
N ILE B 509 10.40 8.27 -9.84
CA ILE B 509 11.76 8.21 -9.34
C ILE B 509 11.75 8.48 -7.85
N TYR B 510 10.97 9.48 -7.47
CA TYR B 510 10.92 9.96 -6.10
C TYR B 510 9.47 10.02 -5.60
N PRO B 511 8.89 8.87 -5.26
CA PRO B 511 7.50 8.83 -4.81
C PRO B 511 7.36 9.38 -3.39
N GLU B 512 6.13 9.63 -2.97
CA GLU B 512 5.91 10.04 -1.59
C GLU B 512 6.36 8.92 -0.66
N ASN B 513 7.05 9.30 0.42
CA ASN B 513 7.48 8.39 1.47
C ASN B 513 8.63 7.49 1.05
N ALA B 514 9.30 7.86 -0.04
CA ALA B 514 10.42 7.08 -0.52
C ALA B 514 11.53 7.03 0.52
N THR B 515 11.67 8.10 1.29
CA THR B 515 12.73 8.19 2.27
C THR B 515 12.14 8.16 3.69
N ALA B 516 10.90 7.68 3.80
CA ALA B 516 10.18 7.66 5.07
C ALA B 516 10.62 6.48 5.93
N ASN B 517 10.62 6.71 7.24
CA ASN B 517 10.97 5.68 8.22
C ASN B 517 12.36 5.11 8.04
N GLY B 518 13.30 5.92 7.58
CA GLY B 518 14.67 5.48 7.38
C GLY B 518 14.97 4.69 6.12
N HIS B 519 13.94 4.37 5.35
CA HIS B 519 14.10 3.59 4.11
C HIS B 519 14.78 4.41 3.02
N ASP B 520 15.20 3.72 1.96
CA ASP B 520 15.69 4.37 0.75
C ASP B 520 15.11 3.67 -0.50
N PHE B 521 13.82 3.88 -0.76
CA PHE B 521 13.10 3.19 -1.81
C PHE B 521 13.42 3.75 -3.20
N GLN B 522 13.74 2.85 -4.14
CA GLN B 522 14.00 3.21 -5.53
C GLN B 522 13.30 2.28 -6.52
N MET B 523 13.00 2.76 -7.72
CA MET B 523 12.42 1.89 -8.75
C MET B 523 13.32 0.66 -8.88
N PHE B 524 12.73 -0.51 -9.08
CA PHE B 524 13.48 -1.76 -9.14
C PHE B 524 12.70 -2.83 -9.95
N SER B 525 13.35 -3.54 -10.87
CA SER B 525 12.68 -4.65 -11.54
C SER B 525 13.04 -5.94 -10.86
N PHE B 526 12.04 -6.54 -10.21
CA PHE B 526 12.23 -7.78 -9.48
C PHE B 526 12.25 -8.96 -10.46
N GLU B 527 13.16 -9.89 -10.22
CA GLU B 527 13.30 -11.01 -11.14
C GLU B 527 12.31 -12.07 -10.73
N GLU B 528 12.10 -12.20 -9.43
CA GLU B 528 11.26 -13.27 -8.92
C GLU B 528 9.93 -12.71 -8.44
N THR B 529 8.91 -13.55 -8.44
CA THR B 529 7.61 -13.18 -7.89
C THR B 529 7.78 -12.56 -6.51
N THR B 530 7.23 -11.36 -6.32
CA THR B 530 7.43 -10.58 -5.08
C THR B 530 6.14 -10.03 -4.46
N SER B 531 6.09 -9.99 -3.14
CA SER B 531 4.95 -9.38 -2.45
C SER B 531 5.42 -8.14 -1.71
N CYS B 532 4.49 -7.27 -1.38
CA CYS B 532 4.83 -6.05 -0.66
C CYS B 532 4.88 -6.26 0.85
N LYS B 533 5.83 -5.60 1.50
CA LYS B 533 5.98 -5.70 2.95
C LYS B 533 4.97 -4.81 3.67
N ALA B 534 3.99 -4.30 2.93
CA ALA B 534 2.89 -3.53 3.51
C ALA B 534 1.51 -4.11 3.16
N CYS B 535 1.08 -4.02 1.89
CA CYS B 535 -0.23 -4.61 1.50
C CYS B 535 -0.19 -6.12 1.34
N GLN B 536 0.97 -6.71 1.56
CA GLN B 536 1.16 -8.16 1.47
C GLN B 536 0.72 -8.79 0.15
N MET B 537 0.20 -7.96 -0.76
CA MET B 537 -0.20 -8.46 -2.06
C MET B 537 0.90 -8.31 -3.09
N LEU B 538 0.68 -8.90 -4.26
CA LEU B 538 1.74 -9.04 -5.25
C LEU B 538 2.13 -7.76 -5.97
N LEU B 539 3.43 -7.59 -6.19
CA LEU B 539 3.90 -6.65 -7.19
C LEU B 539 3.72 -7.30 -8.57
N ARG B 540 3.05 -6.61 -9.48
CA ARG B 540 2.64 -7.22 -10.73
C ARG B 540 3.49 -6.79 -11.93
N GLY B 541 3.69 -7.73 -12.85
CA GLY B 541 4.52 -7.44 -14.01
C GLY B 541 5.85 -8.15 -13.93
N THR B 542 6.67 -7.95 -14.97
CA THR B 542 8.00 -8.57 -15.06
C THR B 542 9.07 -7.50 -15.15
N PHE B 543 8.69 -6.26 -14.92
CA PHE B 543 9.55 -5.14 -15.30
C PHE B 543 9.16 -3.88 -14.52
N TYR B 544 10.06 -3.44 -13.64
CA TYR B 544 9.83 -2.31 -12.75
C TYR B 544 8.48 -2.38 -12.06
N GLN B 545 8.26 -3.48 -11.39
CA GLN B 545 6.99 -3.74 -10.74
C GLN B 545 6.73 -2.81 -9.57
N GLY B 546 7.79 -2.19 -9.03
CA GLY B 546 7.64 -1.34 -7.85
C GLY B 546 8.97 -0.84 -7.32
N TYR B 547 9.08 -0.80 -5.98
CA TYR B 547 10.28 -0.24 -5.33
C TYR B 547 10.98 -1.20 -4.36
N ARG B 548 12.27 -0.94 -4.11
CA ARG B 548 13.07 -1.74 -3.19
C ARG B 548 13.98 -0.86 -2.36
N CYS B 549 14.07 -1.13 -1.07
CA CYS B 549 15.00 -0.43 -0.21
C CYS B 549 16.26 -1.27 -0.13
N HIS B 550 17.38 -0.75 -0.62
CA HIS B 550 18.61 -1.52 -0.63
C HIS B 550 19.13 -1.83 0.77
N ARG B 551 18.48 -1.31 1.78
CA ARG B 551 19.00 -1.36 3.14
C ARG B 551 18.34 -2.45 3.98
N CYS B 552 17.04 -2.65 3.78
CA CYS B 552 16.29 -3.64 4.55
C CYS B 552 15.69 -4.71 3.65
N ARG B 553 15.96 -4.58 2.35
CA ARG B 553 15.54 -5.55 1.34
C ARG B 553 14.02 -5.58 1.11
N ALA B 554 13.30 -4.60 1.67
CA ALA B 554 11.85 -4.55 1.54
C ALA B 554 11.42 -4.24 0.12
N SER B 555 10.22 -4.70 -0.23
CA SER B 555 9.63 -4.41 -1.54
C SER B 555 8.21 -3.86 -1.38
N ALA B 556 7.86 -2.85 -2.18
CA ALA B 556 6.54 -2.24 -2.06
C ALA B 556 5.98 -1.71 -3.38
N HIS B 557 4.66 -1.68 -3.47
CA HIS B 557 3.96 -0.90 -4.47
C HIS B 557 4.28 0.56 -4.22
N LYS B 558 4.21 1.38 -5.26
CA LYS B 558 4.39 2.82 -5.10
C LYS B 558 3.48 3.40 -3.99
N GLU B 559 2.21 2.99 -3.99
CA GLU B 559 1.22 3.52 -3.04
C GLU B 559 1.40 2.98 -1.62
N CYS B 560 1.80 1.72 -1.49
CA CYS B 560 1.95 1.09 -0.18
C CYS B 560 3.16 1.64 0.62
N LEU B 561 3.90 2.58 0.04
CA LEU B 561 5.26 2.93 0.52
C LEU B 561 5.45 3.37 1.97
N GLY B 562 4.55 4.21 2.48
CA GLY B 562 4.69 4.72 3.83
C GLY B 562 4.17 3.76 4.88
N ARG B 563 3.36 2.80 4.46
CA ARG B 563 2.81 1.80 5.37
C ARG B 563 3.82 0.70 5.63
N VAL B 564 4.96 0.79 4.96
CA VAL B 564 5.99 -0.20 5.15
C VAL B 564 6.78 0.02 6.43
N PRO B 565 6.72 -0.97 7.34
CA PRO B 565 7.45 -1.05 8.61
C PRO B 565 8.85 -0.43 8.50
N PRO B 566 9.26 0.30 9.55
CA PRO B 566 10.53 1.03 9.56
C PRO B 566 11.74 0.20 9.13
N CYS B 567 12.74 0.88 8.58
CA CYS B 567 13.93 0.26 8.02
C CYS B 567 14.77 -0.43 9.10
N GLY B 568 15.12 -1.68 8.82
CA GLY B 568 15.85 -2.52 9.75
C GLY B 568 15.06 -3.78 10.07
#